data_7Y5I
#
_entry.id   7Y5I
#
_cell.length_a   93.223
_cell.length_b   127.172
_cell.length_c   139.588
_cell.angle_alpha   90.000
_cell.angle_beta   90.000
_cell.angle_gamma   90.000
#
_symmetry.space_group_name_H-M   'I 2 2 2'
#
loop_
_entity.id
_entity.type
_entity.pdbx_description
1 polymer CmnC
2 non-polymer 'FE (III) ION'
3 non-polymer ARGININE
4 non-polymer 'L(+)-TARTARIC ACID'
5 water water
#
_entity_poly.entity_id   1
_entity_poly.type   'polypeptide(L)'
_entity_poly.pdbx_seq_one_letter_code
;MGSSHHHHHHSSGLVPRGSHMTAIREIRLSEPESAQAALLALECAQRYAEPDSADFLADAAVLAHDLPRAVRREVERARL
DDRLHALVVRGNDVDQDALGPTPPHWRQARTAASRRYGFLLVLYASLLGDVVGWATQQDGRVVTDVLPIEGQEDSLVSSS
SSVELGWHTEDAFSPYRADYVGLFSLRNPDSVATTVAGLDPDLVGPAVVDVLFGERFHIRPDNSHLPTHNSGGRLSDYFA
GIVEAVENPRAVSILRGHRDAPQLCVDSDFTTAVDGDAEAAGALDTLIKHLGGALYEVVLGPGDVAFLDNRNVVHGRRPF
RARFDGTDRWLKRINVTADLRKSRAARRDAQARVLGEA
;
_entity_poly.pdbx_strand_id   A,B
#
# COMPACT_ATOMS: atom_id res chain seq x y z
N MET A 21 0.24 -26.05 -8.01
CA MET A 21 0.96 -24.76 -7.87
C MET A 21 0.58 -24.12 -6.54
N THR A 22 1.08 -22.91 -6.27
CA THR A 22 0.98 -22.22 -4.95
C THR A 22 -0.13 -21.17 -4.96
N ALA A 23 -1.14 -21.27 -5.83
CA ALA A 23 -2.28 -20.33 -5.82
C ALA A 23 -2.96 -20.39 -4.45
N ILE A 24 -3.07 -21.58 -3.86
CA ILE A 24 -3.47 -21.74 -2.42
C ILE A 24 -2.19 -22.03 -1.63
N ARG A 25 -1.78 -21.07 -0.81
CA ARG A 25 -0.60 -21.20 0.08
C ARG A 25 -1.10 -21.53 1.48
N GLU A 26 -0.77 -22.70 2.00
CA GLU A 26 -1.23 -23.12 3.34
C GLU A 26 -0.07 -23.13 4.33
N ILE A 27 -0.34 -22.59 5.51
CA ILE A 27 0.51 -22.69 6.73
C ILE A 27 -0.32 -23.47 7.75
N ARG A 28 0.08 -24.67 8.16
CA ARG A 28 -0.55 -25.34 9.32
C ARG A 28 0.28 -25.00 10.56
N LEU A 29 -0.30 -24.27 11.50
CA LEU A 29 0.44 -23.86 12.73
C LEU A 29 0.79 -25.11 13.54
N SER A 30 2.02 -25.17 14.06
CA SER A 30 2.40 -26.08 15.15
C SER A 30 1.65 -25.67 16.42
N GLU A 31 1.57 -26.54 17.44
CA GLU A 31 0.94 -26.18 18.74
C GLU A 31 1.64 -24.94 19.31
N PRO A 32 2.99 -24.88 19.38
CA PRO A 32 3.66 -23.68 19.86
C PRO A 32 3.30 -22.41 19.08
N GLU A 33 3.23 -22.50 17.74
CA GLU A 33 2.89 -21.32 16.90
C GLU A 33 1.46 -20.90 17.21
N SER A 34 0.52 -21.84 17.30
CA SER A 34 -0.90 -21.56 17.64
C SER A 34 -0.96 -20.87 19.00
N ALA A 35 -0.24 -21.39 19.99
CA ALA A 35 -0.22 -20.88 21.37
C ALA A 35 0.38 -19.46 21.39
N GLN A 36 1.45 -19.23 20.62
CA GLN A 36 2.13 -17.90 20.55
C GLN A 36 1.13 -16.88 19.98
N ALA A 37 0.44 -17.21 18.89
CA ALA A 37 -0.50 -16.27 18.26
C ALA A 37 -1.68 -16.00 19.21
N ALA A 38 -2.15 -17.03 19.92
CA ALA A 38 -3.26 -16.89 20.91
C ALA A 38 -2.82 -15.97 22.05
N LEU A 39 -1.62 -16.17 22.60
CA LEU A 39 -1.05 -15.34 23.70
C LEU A 39 -1.02 -13.87 23.25
N LEU A 40 -0.56 -13.60 22.04
CA LEU A 40 -0.47 -12.22 21.51
C LEU A 40 -1.87 -11.62 21.38
N ALA A 41 -2.81 -12.36 20.81
CA ALA A 41 -4.21 -11.91 20.65
C ALA A 41 -4.81 -11.62 22.04
N LEU A 42 -4.56 -12.48 23.02
CA LEU A 42 -5.11 -12.27 24.39
C LEU A 42 -4.42 -11.06 25.03
N GLU A 43 -3.14 -10.81 24.76
CA GLU A 43 -2.44 -9.61 25.27
C GLU A 43 -3.12 -8.36 24.69
N CYS A 44 -3.50 -8.38 23.41
CA CYS A 44 -4.22 -7.26 22.78
C CYS A 44 -5.61 -7.09 23.42
N ALA A 45 -6.33 -8.19 23.67
CA ALA A 45 -7.66 -8.15 24.33
C ALA A 45 -7.51 -7.57 25.74
N GLN A 46 -6.40 -7.84 26.42
CA GLN A 46 -6.24 -7.30 27.80
C GLN A 46 -5.96 -5.80 27.75
N ARG A 47 -5.29 -5.32 26.70
CA ARG A 47 -4.88 -3.90 26.60
C ARG A 47 -6.03 -3.02 26.05
N TYR A 48 -6.69 -3.43 24.97
CA TYR A 48 -7.58 -2.55 24.15
C TYR A 48 -9.04 -3.03 24.25
N ALA A 49 -10.00 -2.13 24.03
CA ALA A 49 -11.45 -2.43 24.14
C ALA A 49 -11.90 -3.32 22.98
N GLU A 50 -11.75 -2.83 21.74
CA GLU A 50 -12.32 -3.46 20.53
C GLU A 50 -11.20 -3.81 19.57
N PRO A 51 -11.35 -4.86 18.74
CA PRO A 51 -10.36 -5.15 17.70
C PRO A 51 -10.25 -4.09 16.60
N ASP A 52 -11.10 -3.07 16.59
CA ASP A 52 -10.90 -1.90 15.70
C ASP A 52 -10.90 -0.61 16.51
N SER A 53 -10.55 -0.69 17.80
CA SER A 53 -10.20 0.50 18.61
C SER A 53 -9.06 1.24 17.90
N ALA A 54 -9.15 2.57 17.81
CA ALA A 54 -8.17 3.40 17.10
C ALA A 54 -6.77 3.15 17.66
N ASP A 55 -6.62 3.09 18.98
CA ASP A 55 -5.29 2.91 19.63
C ASP A 55 -4.71 1.56 19.18
N PHE A 56 -5.53 0.52 19.13
CA PHE A 56 -5.07 -0.82 18.68
C PHE A 56 -4.63 -0.74 17.22
N LEU A 57 -5.44 -0.15 16.35
CA LEU A 57 -5.12 -0.11 14.90
C LEU A 57 -3.85 0.69 14.63
N ALA A 58 -3.57 1.74 15.40
CA ALA A 58 -2.31 2.51 15.27
C ALA A 58 -1.13 1.58 15.58
N ASP A 59 -1.32 0.67 16.55
CA ASP A 59 -0.29 -0.23 17.15
C ASP A 59 -0.22 -1.55 16.37
N ALA A 60 -1.18 -1.83 15.48
CA ALA A 60 -1.42 -3.19 14.95
C ALA A 60 -0.25 -3.67 14.08
N ALA A 61 0.28 -2.82 13.21
CA ALA A 61 1.32 -3.20 12.24
C ALA A 61 2.53 -3.74 13.02
N VAL A 62 2.92 -3.07 14.11
CA VAL A 62 4.11 -3.47 14.91
C VAL A 62 3.76 -4.68 15.78
N LEU A 63 2.58 -4.71 16.39
CA LEU A 63 2.18 -5.90 17.19
C LEU A 63 2.16 -7.14 16.28
N ALA A 64 1.74 -7.02 15.02
CA ALA A 64 1.70 -8.14 14.05
C ALA A 64 3.09 -8.78 13.92
N HIS A 65 4.17 -8.00 14.08
CA HIS A 65 5.60 -8.41 13.96
C HIS A 65 5.96 -9.42 15.05
N ASP A 66 5.13 -9.55 16.08
CA ASP A 66 5.34 -10.47 17.22
C ASP A 66 4.71 -11.85 16.94
N LEU A 67 3.99 -12.01 15.83
CA LEU A 67 3.50 -13.34 15.39
C LEU A 67 4.70 -14.23 15.08
N PRO A 68 4.53 -15.57 15.11
CA PRO A 68 5.65 -16.47 14.88
C PRO A 68 6.39 -16.18 13.58
N ARG A 69 7.72 -16.19 13.63
CA ARG A 69 8.61 -15.80 12.49
C ARG A 69 8.32 -16.68 11.28
N ALA A 70 8.28 -18.00 11.45
CA ALA A 70 8.05 -18.94 10.33
C ALA A 70 6.71 -18.60 9.65
N VAL A 71 5.72 -18.15 10.42
CA VAL A 71 4.38 -17.75 9.89
C VAL A 71 4.52 -16.43 9.11
N ARG A 72 5.17 -15.42 9.70
CA ARG A 72 5.40 -14.12 9.01
C ARG A 72 6.13 -14.35 7.68
N ARG A 73 7.07 -15.30 7.62
CA ARG A 73 7.81 -15.60 6.37
C ARG A 73 6.82 -16.06 5.29
N GLU A 74 5.93 -16.99 5.62
CA GLU A 74 4.99 -17.55 4.61
C GLU A 74 3.94 -16.50 4.25
N VAL A 75 3.51 -15.65 5.19
CA VAL A 75 2.55 -14.57 4.84
C VAL A 75 3.22 -13.60 3.86
N GLU A 76 4.50 -13.30 4.04
CA GLU A 76 5.24 -12.37 3.17
C GLU A 76 5.39 -12.97 1.77
N ARG A 77 5.65 -14.28 1.65
CA ARG A 77 5.71 -14.95 0.32
C ARG A 77 4.35 -14.79 -0.36
N ALA A 78 3.26 -14.98 0.37
CA ALA A 78 1.90 -14.83 -0.19
C ALA A 78 1.67 -13.38 -0.64
N ARG A 79 2.13 -12.41 0.16
CA ARG A 79 1.82 -10.96 -0.08
C ARG A 79 2.40 -10.54 -1.43
N LEU A 80 3.55 -11.10 -1.81
CA LEU A 80 4.29 -10.67 -3.03
C LEU A 80 4.01 -11.64 -4.19
N ASP A 81 3.16 -12.64 -3.97
CA ASP A 81 2.77 -13.58 -5.05
C ASP A 81 1.58 -13.00 -5.82
N ASP A 82 1.82 -12.40 -6.99
CA ASP A 82 0.72 -11.73 -7.75
C ASP A 82 -0.17 -12.73 -8.48
N ARG A 83 0.04 -14.04 -8.29
CA ARG A 83 -0.91 -15.07 -8.78
C ARG A 83 -1.61 -15.74 -7.61
N LEU A 84 -1.44 -15.23 -6.39
CA LEU A 84 -2.10 -15.82 -5.19
C LEU A 84 -3.62 -15.85 -5.40
N HIS A 85 -4.25 -16.94 -5.04
CA HIS A 85 -5.71 -16.99 -4.83
C HIS A 85 -6.01 -16.79 -3.35
N ALA A 86 -5.44 -17.61 -2.48
CA ALA A 86 -5.62 -17.44 -1.02
C ALA A 86 -4.44 -17.99 -0.25
N LEU A 87 -4.11 -17.28 0.82
CA LEU A 87 -3.26 -17.75 1.94
C LEU A 87 -4.21 -18.34 2.98
N VAL A 88 -3.98 -19.58 3.43
CA VAL A 88 -4.79 -20.19 4.51
C VAL A 88 -3.86 -20.54 5.66
N VAL A 89 -4.13 -19.97 6.83
CA VAL A 89 -3.39 -20.29 8.09
C VAL A 89 -4.31 -21.20 8.89
N ARG A 90 -3.94 -22.48 9.03
CA ARG A 90 -4.80 -23.49 9.69
C ARG A 90 -4.37 -23.65 11.13
N GLY A 91 -5.34 -23.90 12.02
CA GLY A 91 -5.08 -24.47 13.36
C GLY A 91 -4.83 -23.43 14.44
N ASN A 92 -5.39 -22.23 14.32
CA ASN A 92 -5.43 -21.29 15.46
C ASN A 92 -6.30 -21.88 16.57
N ASP A 93 -5.96 -21.56 17.82
CA ASP A 93 -6.73 -21.98 19.02
C ASP A 93 -8.10 -21.29 19.00
N VAL A 94 -9.19 -22.06 19.01
CA VAL A 94 -10.56 -21.53 19.27
C VAL A 94 -11.20 -22.38 20.37
N ASP A 95 -11.47 -21.75 21.51
CA ASP A 95 -12.12 -22.37 22.70
C ASP A 95 -13.64 -22.32 22.44
N GLN A 96 -14.22 -23.40 21.92
CA GLN A 96 -15.66 -23.47 21.51
C GLN A 96 -16.57 -23.24 22.72
N ASP A 97 -16.24 -23.83 23.88
CA ASP A 97 -17.03 -23.71 25.13
C ASP A 97 -17.05 -22.25 25.58
N ALA A 98 -15.87 -21.60 25.63
CA ALA A 98 -15.70 -20.21 26.10
C ALA A 98 -16.40 -19.26 25.12
N LEU A 99 -16.41 -19.59 23.82
CA LEU A 99 -16.95 -18.69 22.77
C LEU A 99 -18.46 -18.52 22.95
N GLY A 100 -19.14 -19.58 23.38
CA GLY A 100 -20.61 -19.56 23.57
C GLY A 100 -21.35 -19.66 22.24
N PRO A 101 -22.66 -19.34 22.22
CA PRO A 101 -23.50 -19.57 21.05
C PRO A 101 -23.23 -18.58 19.91
N THR A 102 -23.44 -19.01 18.68
CA THR A 102 -23.39 -18.15 17.48
C THR A 102 -24.50 -17.11 17.62
N PRO A 103 -24.18 -15.81 17.67
CA PRO A 103 -25.21 -14.78 17.74
C PRO A 103 -26.18 -14.87 16.58
N PRO A 104 -27.46 -14.49 16.80
CA PRO A 104 -28.47 -14.54 15.73
C PRO A 104 -28.43 -13.42 14.68
N HIS A 105 -27.55 -12.45 14.86
CA HIS A 105 -27.43 -11.26 13.98
C HIS A 105 -26.03 -10.65 14.18
N TRP A 106 -25.45 -10.10 13.12
CA TRP A 106 -24.10 -9.46 13.20
C TRP A 106 -24.15 -8.31 14.21
N ARG A 107 -25.30 -7.64 14.36
CA ARG A 107 -25.43 -6.52 15.32
C ARG A 107 -25.07 -7.00 16.75
N GLN A 108 -25.37 -8.26 17.06
CA GLN A 108 -25.14 -8.86 18.40
C GLN A 108 -23.83 -9.64 18.45
N ALA A 109 -23.00 -9.57 17.40
CA ALA A 109 -21.85 -10.49 17.24
C ALA A 109 -20.55 -9.90 17.81
N ARG A 110 -20.58 -8.69 18.34
CA ARG A 110 -19.42 -8.07 19.05
C ARG A 110 -19.41 -8.56 20.49
N THR A 111 -19.29 -9.87 20.69
CA THR A 111 -19.40 -10.53 22.03
C THR A 111 -18.06 -10.40 22.74
N ALA A 112 -18.07 -10.31 24.06
CA ALA A 112 -16.85 -10.37 24.91
C ALA A 112 -16.00 -11.56 24.48
N ALA A 113 -16.57 -12.76 24.43
CA ALA A 113 -15.84 -14.04 24.22
C ALA A 113 -15.17 -14.08 22.84
N SER A 114 -15.68 -13.36 21.85
CA SER A 114 -15.15 -13.41 20.45
C SER A 114 -14.12 -12.30 20.20
N ARG A 115 -13.92 -11.36 21.13
CA ARG A 115 -12.95 -10.25 20.94
C ARG A 115 -11.59 -10.81 20.50
N ARG A 116 -11.08 -11.83 21.20
CA ARG A 116 -9.71 -12.36 20.98
C ARG A 116 -9.55 -12.78 19.52
N TYR A 117 -10.62 -13.23 18.85
CA TYR A 117 -10.51 -13.72 17.44
C TYR A 117 -10.51 -12.52 16.49
N GLY A 118 -11.25 -11.47 16.83
CA GLY A 118 -11.17 -10.19 16.09
C GLY A 118 -9.77 -9.61 16.18
N PHE A 119 -9.17 -9.56 17.37
CA PHE A 119 -7.79 -9.04 17.54
C PHE A 119 -6.84 -9.89 16.70
N LEU A 120 -6.98 -11.22 16.75
CA LEU A 120 -6.01 -12.09 16.04
C LEU A 120 -6.18 -11.89 14.53
N LEU A 121 -7.41 -11.76 14.04
CA LEU A 121 -7.64 -11.52 12.60
C LEU A 121 -6.92 -10.23 12.17
N VAL A 122 -7.08 -9.15 12.92
CA VAL A 122 -6.40 -7.86 12.60
C VAL A 122 -4.88 -8.05 12.63
N LEU A 123 -4.32 -8.79 13.59
CA LEU A 123 -2.85 -9.01 13.67
C LEU A 123 -2.39 -9.71 12.39
N TYR A 124 -3.02 -10.81 11.97
CA TYR A 124 -2.62 -11.50 10.73
C TYR A 124 -2.79 -10.53 9.55
N ALA A 125 -3.91 -9.83 9.50
CA ALA A 125 -4.25 -8.95 8.36
C ALA A 125 -3.20 -7.84 8.23
N SER A 126 -2.64 -7.37 9.33
CA SER A 126 -1.75 -6.19 9.34
C SER A 126 -0.35 -6.54 8.81
N LEU A 127 -0.09 -7.84 8.59
CA LEU A 127 1.11 -8.29 7.84
C LEU A 127 0.94 -8.01 6.35
N LEU A 128 -0.29 -7.92 5.86
CA LEU A 128 -0.57 -7.83 4.41
C LEU A 128 -0.85 -6.39 3.98
N GLY A 129 -1.18 -5.53 4.92
CA GLY A 129 -1.58 -4.15 4.59
C GLY A 129 -2.29 -3.54 5.77
N ASP A 130 -3.12 -2.54 5.52
CA ASP A 130 -3.86 -1.83 6.59
C ASP A 130 -5.34 -2.18 6.52
N VAL A 131 -5.97 -2.38 7.67
CA VAL A 131 -7.39 -2.79 7.68
C VAL A 131 -8.30 -1.57 7.47
N VAL A 132 -9.39 -1.81 6.75
CA VAL A 132 -10.43 -0.79 6.43
C VAL A 132 -11.79 -1.43 6.59
N GLY A 133 -12.79 -0.60 6.84
CA GLY A 133 -14.21 -1.00 6.75
C GLY A 133 -14.97 -0.01 5.88
N TRP A 134 -16.30 -0.10 5.93
CA TRP A 134 -17.20 0.69 5.06
C TRP A 134 -18.26 1.35 5.94
N ALA A 135 -18.50 2.65 5.74
CA ALA A 135 -19.54 3.39 6.49
C ALA A 135 -20.91 2.74 6.27
N THR A 136 -21.08 2.03 5.15
CA THR A 136 -22.37 1.52 4.65
C THR A 136 -22.50 0.01 4.85
N GLN A 137 -21.56 -0.61 5.58
CA GLN A 137 -21.62 -2.08 5.84
C GLN A 137 -21.43 -2.38 7.33
N GLN A 138 -22.35 -3.14 7.91
CA GLN A 138 -22.36 -3.51 9.35
C GLN A 138 -21.96 -2.30 10.19
N ASP A 139 -22.63 -1.18 9.99
CA ASP A 139 -22.54 0.00 10.89
C ASP A 139 -21.10 0.52 10.94
N GLY A 140 -20.33 0.34 9.86
CA GLY A 140 -18.96 0.88 9.75
C GLY A 140 -17.95 0.16 10.62
N ARG A 141 -18.26 -1.06 11.06
CA ARG A 141 -17.29 -1.88 11.81
C ARG A 141 -16.14 -2.27 10.88
N VAL A 142 -14.93 -2.34 11.41
CA VAL A 142 -13.79 -2.84 10.60
C VAL A 142 -13.75 -4.37 10.65
N VAL A 143 -13.88 -4.96 11.83
CA VAL A 143 -14.04 -6.44 11.95
C VAL A 143 -15.53 -6.71 11.84
N THR A 144 -15.94 -7.46 10.81
CA THR A 144 -17.36 -7.75 10.53
C THR A 144 -17.61 -9.24 10.78
N ASP A 145 -18.89 -9.61 10.76
CA ASP A 145 -19.32 -10.98 11.11
C ASP A 145 -20.09 -11.57 9.94
N VAL A 146 -19.78 -12.83 9.66
CA VAL A 146 -20.45 -13.64 8.61
C VAL A 146 -21.14 -14.81 9.33
N LEU A 147 -22.44 -14.73 9.47
CA LEU A 147 -23.23 -15.77 10.16
C LEU A 147 -24.64 -15.73 9.60
N PRO A 148 -25.36 -16.88 9.59
CA PRO A 148 -26.67 -16.92 8.97
C PRO A 148 -27.70 -16.20 9.85
N ILE A 149 -28.54 -15.40 9.20
CA ILE A 149 -29.62 -14.64 9.90
C ILE A 149 -30.96 -15.18 9.41
N GLU A 150 -31.82 -15.51 10.38
CA GLU A 150 -33.20 -15.97 10.11
C GLU A 150 -33.93 -14.85 9.38
N GLY A 151 -34.49 -15.15 8.21
CA GLY A 151 -35.17 -14.18 7.33
C GLY A 151 -34.28 -13.73 6.16
N GLN A 152 -32.97 -14.00 6.22
CA GLN A 152 -31.99 -13.64 5.15
C GLN A 152 -31.53 -14.89 4.41
N GLU A 153 -32.18 -16.04 4.59
CA GLU A 153 -31.73 -17.33 3.99
C GLU A 153 -31.52 -17.17 2.47
N ASP A 154 -32.44 -16.46 1.79
CA ASP A 154 -32.50 -16.37 0.30
C ASP A 154 -32.02 -14.99 -0.17
N SER A 155 -31.39 -14.22 0.71
CA SER A 155 -30.79 -12.90 0.38
C SER A 155 -29.51 -13.09 -0.43
N LEU A 156 -28.96 -11.99 -0.94
CA LEU A 156 -27.69 -11.97 -1.68
C LEU A 156 -26.55 -11.47 -0.78
N VAL A 157 -26.76 -11.43 0.53
CA VAL A 157 -25.74 -10.89 1.48
C VAL A 157 -25.08 -12.06 2.23
N SER A 158 -23.99 -11.77 2.94
CA SER A 158 -23.11 -12.76 3.59
C SER A 158 -23.86 -13.54 4.68
N SER A 159 -24.99 -13.02 5.17
CA SER A 159 -25.83 -13.68 6.20
C SER A 159 -26.81 -14.70 5.59
N SER A 160 -26.72 -14.95 4.29
CA SER A 160 -27.58 -15.94 3.56
C SER A 160 -27.15 -17.35 3.96
N SER A 161 -27.93 -18.34 3.56
CA SER A 161 -27.65 -19.75 3.87
C SER A 161 -28.21 -20.62 2.73
N SER A 162 -29.54 -20.71 2.63
CA SER A 162 -30.23 -21.57 1.62
C SER A 162 -29.78 -21.24 0.21
N VAL A 163 -29.63 -19.95 -0.13
CA VAL A 163 -29.21 -19.50 -1.49
C VAL A 163 -27.69 -19.29 -1.46
N GLU A 164 -26.97 -19.97 -2.37
CA GLU A 164 -25.51 -19.85 -2.55
C GLU A 164 -25.15 -18.36 -2.58
N LEU A 165 -24.08 -17.97 -1.88
CA LEU A 165 -23.56 -16.59 -2.01
C LEU A 165 -22.86 -16.50 -3.36
N GLY A 166 -23.43 -15.73 -4.28
CA GLY A 166 -22.92 -15.57 -5.66
C GLY A 166 -21.48 -15.09 -5.64
N TRP A 167 -20.64 -15.62 -6.53
CA TRP A 167 -19.20 -15.26 -6.55
C TRP A 167 -19.06 -13.77 -6.90
N HIS A 168 -18.05 -13.15 -6.31
CA HIS A 168 -17.83 -11.70 -6.45
C HIS A 168 -16.41 -11.35 -6.03
N THR A 169 -15.88 -10.30 -6.66
CA THR A 169 -14.87 -9.41 -6.08
C THR A 169 -15.52 -8.64 -4.93
N GLU A 170 -14.90 -8.60 -3.75
CA GLU A 170 -15.44 -7.82 -2.61
C GLU A 170 -15.52 -6.35 -3.02
N ASP A 171 -16.69 -5.75 -2.84
CA ASP A 171 -16.91 -4.30 -3.04
C ASP A 171 -16.45 -3.92 -4.45
N ALA A 172 -16.77 -4.75 -5.43
CA ALA A 172 -16.34 -4.64 -6.84
C ALA A 172 -16.66 -3.25 -7.40
N PHE A 173 -17.73 -2.61 -6.94
CA PHE A 173 -18.18 -1.29 -7.44
C PHE A 173 -17.18 -0.17 -7.12
N SER A 174 -16.30 -0.35 -6.12
CA SER A 174 -15.55 0.77 -5.52
C SER A 174 -14.10 0.78 -5.97
N PRO A 175 -13.51 1.96 -6.29
CA PRO A 175 -12.06 2.03 -6.49
C PRO A 175 -11.25 1.76 -5.21
N TYR A 176 -11.91 1.74 -4.05
CA TYR A 176 -11.27 1.52 -2.74
C TYR A 176 -11.51 0.10 -2.23
N ARG A 177 -12.00 -0.78 -3.11
CA ARG A 177 -12.19 -2.21 -2.77
C ARG A 177 -10.88 -2.77 -2.21
N ALA A 178 -10.99 -3.76 -1.34
CA ALA A 178 -9.83 -4.34 -0.64
C ALA A 178 -8.89 -5.02 -1.64
N ASP A 179 -7.63 -5.09 -1.25
CA ASP A 179 -6.64 -5.98 -1.89
C ASP A 179 -6.77 -7.39 -1.32
N TYR A 180 -7.08 -7.53 -0.02
CA TYR A 180 -7.30 -8.86 0.57
C TYR A 180 -8.59 -8.84 1.36
N VAL A 181 -9.31 -9.97 1.33
CA VAL A 181 -10.42 -10.23 2.27
C VAL A 181 -9.95 -11.32 3.22
N GLY A 182 -9.97 -11.03 4.51
CA GLY A 182 -9.60 -11.96 5.58
C GLY A 182 -10.85 -12.60 6.16
N LEU A 183 -10.86 -13.93 6.27
CA LEU A 183 -11.96 -14.70 6.88
C LEU A 183 -11.39 -15.58 7.99
N PHE A 184 -11.79 -15.36 9.23
CA PHE A 184 -11.36 -16.18 10.39
C PHE A 184 -12.56 -17.04 10.78
N SER A 185 -12.48 -18.34 10.54
CA SER A 185 -13.57 -19.28 10.88
C SER A 185 -13.52 -19.59 12.38
N LEU A 186 -14.58 -19.23 13.10
CA LEU A 186 -14.74 -19.55 14.54
C LEU A 186 -15.41 -20.91 14.68
N ARG A 187 -16.27 -21.23 13.73
CA ARG A 187 -17.25 -22.34 13.83
C ARG A 187 -17.71 -22.68 12.42
N ASN A 188 -17.70 -23.97 12.05
CA ASN A 188 -18.20 -24.42 10.73
C ASN A 188 -18.52 -25.91 10.84
N PRO A 189 -19.52 -26.29 11.66
CA PRO A 189 -19.72 -27.70 12.02
C PRO A 189 -20.05 -28.61 10.82
N ASP A 190 -20.67 -28.07 9.77
CA ASP A 190 -21.10 -28.83 8.56
C ASP A 190 -20.10 -28.64 7.41
N SER A 191 -18.93 -28.05 7.68
CA SER A 191 -17.83 -27.92 6.68
C SER A 191 -18.35 -27.22 5.42
N VAL A 192 -19.07 -26.12 5.58
CA VAL A 192 -19.58 -25.32 4.44
C VAL A 192 -18.37 -24.67 3.73
N ALA A 193 -18.30 -24.84 2.42
CA ALA A 193 -17.16 -24.39 1.61
C ALA A 193 -17.32 -22.92 1.21
N THR A 194 -16.21 -22.19 1.30
CA THR A 194 -15.97 -20.91 0.59
C THR A 194 -15.64 -21.28 -0.85
N THR A 195 -16.18 -20.55 -1.81
CA THR A 195 -15.92 -20.80 -3.25
C THR A 195 -14.94 -19.75 -3.76
N VAL A 196 -14.09 -20.16 -4.69
CA VAL A 196 -12.97 -19.31 -5.21
C VAL A 196 -12.82 -19.56 -6.71
N ALA A 197 -12.61 -18.51 -7.51
CA ALA A 197 -12.14 -18.69 -8.90
C ALA A 197 -11.24 -17.54 -9.34
N GLY A 198 -10.19 -17.88 -10.07
CA GLY A 198 -9.36 -16.92 -10.82
C GLY A 198 -9.71 -16.94 -12.30
N LEU A 199 -9.16 -16.00 -13.06
CA LEU A 199 -9.31 -15.95 -14.53
C LEU A 199 -8.03 -16.45 -15.20
N ASP A 200 -8.17 -17.42 -16.10
CA ASP A 200 -7.09 -17.82 -17.05
C ASP A 200 -7.31 -17.07 -18.35
N PRO A 201 -6.48 -16.05 -18.66
CA PRO A 201 -6.67 -15.23 -19.86
C PRO A 201 -6.58 -16.08 -21.14
N ASP A 202 -5.69 -17.08 -21.14
CA ASP A 202 -5.45 -18.01 -22.28
C ASP A 202 -6.72 -18.82 -22.56
N LEU A 203 -7.53 -19.07 -21.54
CA LEU A 203 -8.61 -20.10 -21.56
C LEU A 203 -9.96 -19.45 -21.90
N VAL A 204 -10.00 -18.12 -22.04
CA VAL A 204 -11.23 -17.36 -22.44
C VAL A 204 -11.03 -16.77 -23.84
N GLY A 205 -9.77 -16.44 -24.19
CA GLY A 205 -9.37 -15.95 -25.53
C GLY A 205 -8.74 -14.56 -25.44
N PRO A 206 -7.68 -14.26 -26.22
CA PRO A 206 -7.13 -12.91 -26.26
C PRO A 206 -8.17 -11.87 -26.70
N ALA A 207 -9.19 -12.31 -27.45
CA ALA A 207 -10.34 -11.50 -27.92
C ALA A 207 -11.15 -10.99 -26.74
N VAL A 208 -11.63 -11.89 -25.88
CA VAL A 208 -12.55 -11.59 -24.74
C VAL A 208 -11.81 -10.70 -23.73
N VAL A 209 -10.52 -10.98 -23.49
CA VAL A 209 -9.63 -10.21 -22.57
C VAL A 209 -9.61 -8.73 -23.00
N ASP A 210 -9.37 -8.47 -24.30
CA ASP A 210 -9.34 -7.09 -24.87
C ASP A 210 -10.63 -6.35 -24.51
N VAL A 211 -11.77 -7.04 -24.63
CA VAL A 211 -13.12 -6.47 -24.34
C VAL A 211 -13.19 -6.16 -22.84
N LEU A 212 -12.82 -7.12 -22.00
CA LEU A 212 -12.91 -7.02 -20.52
C LEU A 212 -12.01 -5.90 -19.98
N PHE A 213 -10.92 -5.56 -20.70
CA PHE A 213 -9.98 -4.47 -20.34
C PHE A 213 -10.61 -3.11 -20.63
N GLY A 214 -11.64 -3.08 -21.47
CA GLY A 214 -12.37 -1.85 -21.84
C GLY A 214 -13.28 -1.40 -20.73
N GLU A 215 -13.48 -0.08 -20.60
CA GLU A 215 -14.41 0.54 -19.63
C GLU A 215 -15.82 0.47 -20.22
N ARG A 216 -16.38 -0.74 -20.24
CA ARG A 216 -17.62 -1.08 -20.99
C ARG A 216 -18.62 -1.81 -20.08
N PHE A 217 -18.47 -1.67 -18.75
CA PHE A 217 -19.28 -2.43 -17.75
C PHE A 217 -19.76 -1.51 -16.63
N HIS A 218 -20.89 -1.90 -16.05
CA HIS A 218 -21.49 -1.25 -14.85
C HIS A 218 -21.41 -2.25 -13.70
N ILE A 219 -20.77 -1.85 -12.61
CA ILE A 219 -20.69 -2.67 -11.38
C ILE A 219 -21.35 -1.89 -10.26
N ARG A 220 -22.47 -2.39 -9.76
CA ARG A 220 -23.27 -1.72 -8.70
C ARG A 220 -22.86 -2.24 -7.32
N PRO A 221 -23.00 -1.40 -6.27
CA PRO A 221 -22.83 -1.85 -4.89
C PRO A 221 -23.78 -3.01 -4.60
N ASP A 222 -23.30 -4.00 -3.86
CA ASP A 222 -24.15 -5.15 -3.48
C ASP A 222 -25.10 -4.71 -2.35
N ASN A 223 -26.06 -5.57 -2.05
CA ASN A 223 -27.19 -5.23 -1.13
C ASN A 223 -26.69 -5.01 0.30
N SER A 224 -25.50 -5.48 0.70
CA SER A 224 -25.01 -5.31 2.09
C SER A 224 -24.73 -3.82 2.36
N HIS A 225 -24.59 -2.99 1.32
CA HIS A 225 -24.29 -1.54 1.48
C HIS A 225 -25.60 -0.73 1.59
N LEU A 226 -26.75 -1.38 1.52
CA LEU A 226 -28.06 -0.67 1.62
C LEU A 226 -28.42 -0.45 3.08
N PRO A 227 -29.20 0.61 3.38
CA PRO A 227 -29.61 0.89 4.76
C PRO A 227 -30.43 -0.24 5.38
N THR A 228 -31.01 -1.12 4.55
CA THR A 228 -31.78 -2.32 4.98
C THR A 228 -30.86 -3.34 5.68
N HIS A 229 -29.54 -3.28 5.47
CA HIS A 229 -28.56 -4.20 6.12
C HIS A 229 -27.67 -3.43 7.10
N ASN A 230 -28.13 -2.27 7.59
CA ASN A 230 -27.45 -1.47 8.64
C ASN A 230 -28.48 -1.03 9.68
N SER A 231 -28.01 -0.62 10.85
CA SER A 231 -28.89 -0.14 11.96
C SER A 231 -29.69 1.07 11.47
N GLY A 232 -30.95 1.19 11.89
CA GLY A 232 -31.89 2.22 11.41
C GLY A 232 -31.36 3.63 11.62
N GLY A 233 -30.62 3.87 12.70
CA GLY A 233 -30.13 5.20 13.11
C GLY A 233 -29.00 5.73 12.23
N ARG A 234 -28.29 4.86 11.51
CA ARG A 234 -27.08 5.21 10.72
C ARG A 234 -27.41 6.37 9.76
N LEU A 235 -26.53 7.37 9.71
CA LEU A 235 -26.73 8.64 8.96
C LEU A 235 -27.08 8.33 7.50
N SER A 236 -28.14 8.97 6.99
CA SER A 236 -28.59 8.92 5.59
C SER A 236 -27.44 9.33 4.65
N ASP A 237 -26.62 10.30 5.07
CA ASP A 237 -25.50 10.83 4.25
C ASP A 237 -24.53 9.71 3.87
N TYR A 238 -24.33 8.70 4.72
CA TYR A 238 -23.44 7.55 4.41
C TYR A 238 -23.91 6.85 3.13
N PHE A 239 -25.23 6.75 2.94
CA PHE A 239 -25.85 5.91 1.88
C PHE A 239 -26.02 6.69 0.56
N ALA A 240 -25.92 8.03 0.58
CA ALA A 240 -26.06 8.86 -0.64
C ALA A 240 -25.14 8.33 -1.75
N GLY A 241 -23.85 8.12 -1.46
CA GLY A 241 -22.85 7.64 -2.44
C GLY A 241 -23.20 6.26 -2.98
N ILE A 242 -23.69 5.38 -2.10
CA ILE A 242 -24.09 3.99 -2.49
C ILE A 242 -25.30 4.08 -3.44
N VAL A 243 -26.31 4.86 -3.06
CA VAL A 243 -27.55 4.98 -3.89
C VAL A 243 -27.16 5.57 -5.25
N GLU A 244 -26.28 6.57 -5.28
CA GLU A 244 -25.76 7.15 -6.54
C GLU A 244 -25.05 6.07 -7.38
N ALA A 245 -24.24 5.21 -6.77
CA ALA A 245 -23.49 4.15 -7.48
C ALA A 245 -24.45 3.06 -8.01
N VAL A 246 -25.62 2.90 -7.38
CA VAL A 246 -26.68 1.96 -7.86
C VAL A 246 -27.38 2.59 -9.07
N GLU A 247 -27.78 3.84 -8.93
CA GLU A 247 -28.58 4.55 -9.96
C GLU A 247 -27.71 4.83 -11.20
N ASN A 248 -26.50 5.35 -10.98
CA ASN A 248 -25.65 5.93 -12.05
C ASN A 248 -24.25 5.35 -11.96
N PRO A 249 -24.10 4.03 -12.16
CA PRO A 249 -22.78 3.40 -12.10
C PRO A 249 -21.88 3.96 -13.20
N ARG A 250 -20.60 4.16 -12.89
CA ARG A 250 -19.57 4.61 -13.85
C ARG A 250 -19.28 3.44 -14.80
N ALA A 251 -18.99 3.74 -16.07
CA ALA A 251 -18.42 2.78 -17.05
C ALA A 251 -17.01 2.39 -16.56
N VAL A 252 -16.78 1.09 -16.28
CA VAL A 252 -15.50 0.58 -15.73
C VAL A 252 -15.09 -0.70 -16.46
N SER A 253 -13.81 -1.06 -16.37
CA SER A 253 -13.25 -2.34 -16.85
C SER A 253 -13.50 -3.44 -15.83
N ILE A 254 -13.38 -4.69 -16.27
CA ILE A 254 -13.36 -5.91 -15.41
C ILE A 254 -11.90 -6.38 -15.22
N LEU A 255 -11.04 -6.21 -16.23
CA LEU A 255 -9.59 -6.56 -16.14
C LEU A 255 -8.75 -5.28 -16.20
N ARG A 256 -7.62 -5.27 -15.49
CA ARG A 256 -6.62 -4.17 -15.53
C ARG A 256 -5.23 -4.74 -15.25
N GLY A 257 -4.21 -3.95 -15.55
CA GLY A 257 -2.81 -4.27 -15.21
C GLY A 257 -2.10 -4.95 -16.37
N HIS A 258 -1.15 -5.82 -16.05
CA HIS A 258 -0.32 -6.56 -17.03
C HIS A 258 -1.14 -7.68 -17.68
N ARG A 259 -0.96 -7.94 -18.97
CA ARG A 259 -1.66 -9.06 -19.69
C ARG A 259 -1.27 -10.43 -19.11
N ASP A 260 -0.02 -10.61 -18.68
CA ASP A 260 0.54 -11.85 -18.07
C ASP A 260 -0.05 -12.12 -16.68
N ALA A 261 -0.55 -11.09 -15.97
CA ALA A 261 -1.05 -11.20 -14.58
C ALA A 261 -2.15 -10.18 -14.32
N PRO A 262 -3.26 -10.19 -15.09
CA PRO A 262 -4.27 -9.15 -14.98
C PRO A 262 -5.10 -9.30 -13.70
N GLN A 263 -5.49 -8.15 -13.15
CA GLN A 263 -6.41 -8.10 -12.00
C GLN A 263 -7.84 -8.29 -12.48
N LEU A 264 -8.70 -8.78 -11.59
CA LEU A 264 -10.10 -9.15 -11.88
C LEU A 264 -11.00 -8.32 -10.95
N CYS A 265 -12.05 -7.72 -11.50
CA CYS A 265 -13.06 -6.94 -10.73
C CYS A 265 -14.44 -7.16 -11.34
N VAL A 266 -15.24 -8.01 -10.70
CA VAL A 266 -16.57 -8.41 -11.22
C VAL A 266 -17.40 -9.01 -10.08
N ASP A 267 -18.71 -8.73 -10.09
CA ASP A 267 -19.68 -9.32 -9.14
C ASP A 267 -20.76 -10.01 -9.98
N SER A 268 -20.90 -11.33 -9.85
CA SER A 268 -21.79 -12.17 -10.70
C SER A 268 -23.24 -11.64 -10.68
N ASP A 269 -23.67 -11.01 -9.59
CA ASP A 269 -25.08 -10.57 -9.41
C ASP A 269 -25.25 -9.06 -9.60
N PHE A 270 -24.18 -8.26 -9.69
CA PHE A 270 -24.30 -6.78 -9.70
C PHE A 270 -23.50 -6.17 -10.84
N THR A 271 -23.20 -6.95 -11.89
CA THR A 271 -22.41 -6.51 -13.07
C THR A 271 -23.23 -6.68 -14.35
N THR A 272 -23.31 -5.63 -15.15
CA THR A 272 -23.95 -5.60 -16.49
C THR A 272 -22.99 -4.93 -17.48
N ALA A 273 -23.11 -5.27 -18.77
CA ALA A 273 -22.45 -4.52 -19.87
C ALA A 273 -23.20 -3.20 -20.06
N VAL A 274 -22.51 -2.15 -20.53
CA VAL A 274 -23.11 -0.83 -20.85
C VAL A 274 -24.14 -1.06 -21.97
N ASP A 275 -25.30 -0.39 -21.90
CA ASP A 275 -26.42 -0.54 -22.87
C ASP A 275 -25.90 -0.37 -24.29
N GLY A 276 -26.18 -1.34 -25.17
CA GLY A 276 -25.88 -1.30 -26.61
C GLY A 276 -24.63 -2.10 -26.99
N ASP A 277 -23.77 -2.43 -26.02
CA ASP A 277 -22.44 -3.04 -26.25
C ASP A 277 -22.57 -4.57 -26.26
N ALA A 278 -23.08 -5.13 -27.37
CA ALA A 278 -23.30 -6.58 -27.58
C ALA A 278 -21.98 -7.35 -27.37
N GLU A 279 -20.86 -6.78 -27.83
CA GLU A 279 -19.50 -7.39 -27.71
C GLU A 279 -19.17 -7.56 -26.22
N ALA A 280 -19.44 -6.52 -25.42
CA ALA A 280 -19.20 -6.48 -23.95
C ALA A 280 -20.14 -7.46 -23.24
N ALA A 281 -21.44 -7.43 -23.56
CA ALA A 281 -22.47 -8.36 -23.02
C ALA A 281 -22.00 -9.82 -23.23
N GLY A 282 -21.46 -10.11 -24.42
CA GLY A 282 -20.95 -11.44 -24.79
C GLY A 282 -19.70 -11.81 -24.00
N ALA A 283 -18.78 -10.85 -23.85
CA ALA A 283 -17.54 -11.01 -23.07
C ALA A 283 -17.91 -11.36 -21.62
N LEU A 284 -18.91 -10.67 -21.05
CA LEU A 284 -19.34 -10.85 -19.63
C LEU A 284 -19.94 -12.24 -19.43
N ASP A 285 -20.86 -12.69 -20.31
CA ASP A 285 -21.54 -14.00 -20.12
C ASP A 285 -20.54 -15.13 -20.39
N THR A 286 -19.54 -14.91 -21.26
CA THR A 286 -18.39 -15.84 -21.45
C THR A 286 -17.60 -15.94 -20.14
N LEU A 287 -17.30 -14.78 -19.52
CA LEU A 287 -16.56 -14.70 -18.23
C LEU A 287 -17.37 -15.39 -17.13
N ILE A 288 -18.67 -15.10 -17.04
CA ILE A 288 -19.60 -15.66 -16.01
C ILE A 288 -19.60 -17.19 -16.13
N LYS A 289 -19.55 -17.74 -17.35
CA LYS A 289 -19.54 -19.21 -17.57
C LYS A 289 -18.16 -19.78 -17.19
N HIS A 290 -17.07 -19.11 -17.58
CA HIS A 290 -15.67 -19.52 -17.28
C HIS A 290 -15.45 -19.58 -15.76
N LEU A 291 -15.93 -18.57 -15.01
CA LEU A 291 -15.67 -18.46 -13.55
C LEU A 291 -16.60 -19.43 -12.81
N GLY A 292 -17.88 -19.51 -13.19
CA GLY A 292 -18.89 -20.42 -12.61
C GLY A 292 -18.43 -21.87 -12.51
N GLY A 293 -17.80 -22.41 -13.56
CA GLY A 293 -17.37 -23.83 -13.63
C GLY A 293 -16.06 -24.07 -12.89
N ALA A 294 -15.12 -23.12 -13.05
CA ALA A 294 -13.78 -23.07 -12.40
C ALA A 294 -13.92 -22.92 -10.89
N LEU A 295 -15.04 -22.36 -10.42
CA LEU A 295 -15.29 -22.12 -8.96
C LEU A 295 -14.93 -23.38 -8.16
N TYR A 296 -13.97 -23.30 -7.26
CA TYR A 296 -13.50 -24.45 -6.43
C TYR A 296 -13.67 -24.12 -4.96
N GLU A 297 -13.62 -25.17 -4.13
CA GLU A 297 -14.00 -25.09 -2.70
C GLU A 297 -12.77 -25.05 -1.79
N VAL A 298 -12.85 -24.18 -0.81
CA VAL A 298 -11.91 -24.12 0.33
C VAL A 298 -12.79 -24.16 1.57
N VAL A 299 -12.60 -25.16 2.44
CA VAL A 299 -13.40 -25.28 3.68
C VAL A 299 -12.60 -24.68 4.82
N LEU A 300 -13.13 -23.63 5.45
CA LEU A 300 -12.47 -23.02 6.61
C LEU A 300 -13.06 -23.63 7.89
N GLY A 301 -12.27 -24.49 8.51
CA GLY A 301 -12.61 -25.08 9.82
C GLY A 301 -12.37 -24.09 10.95
N PRO A 302 -12.85 -24.37 12.17
CA PRO A 302 -12.63 -23.49 13.31
C PRO A 302 -11.12 -23.29 13.52
N GLY A 303 -10.69 -22.02 13.54
CA GLY A 303 -9.29 -21.63 13.76
C GLY A 303 -8.54 -21.44 12.45
N ASP A 304 -9.20 -21.66 11.31
CA ASP A 304 -8.61 -21.41 9.97
C ASP A 304 -8.84 -19.95 9.60
N VAL A 305 -7.77 -19.26 9.18
CA VAL A 305 -7.82 -17.86 8.68
C VAL A 305 -7.40 -17.86 7.21
N ALA A 306 -8.24 -17.39 6.31
CA ALA A 306 -7.91 -17.24 4.87
C ALA A 306 -7.80 -15.75 4.54
N PHE A 307 -6.85 -15.43 3.67
CA PHE A 307 -6.74 -14.11 3.00
C PHE A 307 -6.84 -14.35 1.51
N LEU A 308 -7.97 -13.96 0.94
CA LEU A 308 -8.24 -14.02 -0.51
C LEU A 308 -7.58 -12.82 -1.15
N ASP A 309 -6.83 -13.01 -2.22
CA ASP A 309 -6.30 -11.88 -3.01
C ASP A 309 -7.43 -11.37 -3.89
N ASN A 310 -8.05 -10.27 -3.46
CA ASN A 310 -9.26 -9.72 -4.09
C ASN A 310 -8.96 -9.11 -5.45
N ARG A 311 -7.68 -8.97 -5.81
CA ARG A 311 -7.26 -8.51 -7.15
C ARG A 311 -7.28 -9.70 -8.14
N ASN A 312 -7.19 -10.93 -7.63
CA ASN A 312 -6.98 -12.13 -8.49
C ASN A 312 -8.18 -13.05 -8.52
N VAL A 313 -8.99 -13.11 -7.47
CA VAL A 313 -10.08 -14.12 -7.41
C VAL A 313 -11.39 -13.45 -7.03
N VAL A 314 -12.47 -14.07 -7.50
CA VAL A 314 -13.86 -13.87 -7.00
C VAL A 314 -14.08 -14.95 -5.97
N HIS A 315 -14.95 -14.71 -5.00
CA HIS A 315 -15.27 -15.75 -4.00
C HIS A 315 -16.75 -15.71 -3.68
N GLY A 316 -17.22 -16.80 -3.11
CA GLY A 316 -18.60 -16.97 -2.66
C GLY A 316 -18.68 -17.99 -1.56
N ARG A 317 -19.87 -18.57 -1.39
CA ARG A 317 -20.11 -19.55 -0.32
C ARG A 317 -21.20 -20.51 -0.77
N ARG A 318 -20.98 -21.80 -0.57
CA ARG A 318 -21.96 -22.84 -0.97
C ARG A 318 -23.24 -22.66 -0.17
N PRO A 319 -24.37 -23.12 -0.74
CA PRO A 319 -25.64 -23.13 -0.01
C PRO A 319 -25.53 -24.08 1.19
N PHE A 320 -26.20 -23.76 2.29
CA PHE A 320 -26.24 -24.62 3.49
C PHE A 320 -27.54 -24.38 4.25
N ARG A 321 -27.89 -25.33 5.11
CA ARG A 321 -29.09 -25.25 5.98
C ARG A 321 -28.61 -24.80 7.36
N ALA A 322 -28.98 -23.59 7.76
CA ALA A 322 -28.75 -23.05 9.11
C ALA A 322 -29.76 -23.65 10.09
N ARG A 323 -29.34 -23.91 11.31
CA ARG A 323 -30.18 -24.54 12.38
C ARG A 323 -30.79 -23.45 13.27
N PHE A 324 -30.16 -22.29 13.36
CA PHE A 324 -30.58 -21.14 14.21
C PHE A 324 -30.82 -21.61 15.64
N ASP A 325 -29.85 -22.35 16.20
CA ASP A 325 -29.92 -22.93 17.57
C ASP A 325 -28.68 -22.53 18.37
N GLY A 326 -27.85 -21.62 17.82
CA GLY A 326 -26.61 -21.13 18.46
C GLY A 326 -25.38 -21.95 18.08
N THR A 327 -25.50 -22.90 17.15
CA THR A 327 -24.38 -23.79 16.73
C THR A 327 -23.91 -23.43 15.33
N ASP A 328 -24.49 -22.41 14.69
CA ASP A 328 -24.28 -22.17 13.24
C ASP A 328 -22.86 -21.63 12.95
N ARG A 329 -22.48 -21.82 11.70
CA ARG A 329 -21.25 -21.30 11.08
C ARG A 329 -21.08 -19.81 11.43
N TRP A 330 -19.85 -19.42 11.74
CA TRP A 330 -19.54 -18.04 12.17
C TRP A 330 -18.11 -17.73 11.75
N LEU A 331 -17.95 -16.73 10.88
CA LEU A 331 -16.62 -16.19 10.50
C LEU A 331 -16.54 -14.74 10.97
N LYS A 332 -15.34 -14.32 11.37
CA LYS A 332 -14.97 -12.89 11.46
C LYS A 332 -14.35 -12.52 10.12
N ARG A 333 -14.59 -11.30 9.65
CA ARG A 333 -14.13 -10.86 8.31
C ARG A 333 -13.47 -9.49 8.41
N ILE A 334 -12.48 -9.26 7.55
CA ILE A 334 -11.77 -7.96 7.49
C ILE A 334 -11.39 -7.67 6.04
N ASN A 335 -11.39 -6.39 5.71
CA ASN A 335 -10.85 -5.86 4.43
C ASN A 335 -9.46 -5.31 4.69
N VAL A 336 -8.53 -5.59 3.78
CA VAL A 336 -7.13 -5.12 3.89
C VAL A 336 -6.78 -4.37 2.61
N THR A 337 -6.18 -3.19 2.76
CA THR A 337 -5.64 -2.43 1.61
C THR A 337 -4.11 -2.42 1.67
N ALA A 338 -3.46 -2.58 0.53
CA ALA A 338 -2.00 -2.39 0.42
C ALA A 338 -1.65 -0.91 0.63
N ASP A 339 -2.59 0.00 0.38
CA ASP A 339 -2.29 1.45 0.30
C ASP A 339 -3.43 2.24 0.95
N LEU A 340 -3.34 2.50 2.25
CA LEU A 340 -4.40 3.24 2.96
C LEU A 340 -4.45 4.67 2.43
N ARG A 341 -3.28 5.26 2.16
CA ARG A 341 -3.20 6.68 1.72
C ARG A 341 -4.10 6.93 0.51
N LYS A 342 -4.23 5.96 -0.41
CA LYS A 342 -4.95 6.22 -1.69
C LYS A 342 -6.43 6.52 -1.45
N SER A 343 -7.00 6.11 -0.34
CA SER A 343 -8.45 6.28 -0.06
C SER A 343 -8.71 7.48 0.86
N ARG A 344 -7.72 8.34 1.09
CA ARG A 344 -7.88 9.44 2.07
C ARG A 344 -9.07 10.34 1.70
N ALA A 345 -9.37 10.54 0.41
CA ALA A 345 -10.53 11.35 -0.03
C ALA A 345 -11.84 10.77 0.53
N ALA A 346 -11.87 9.46 0.81
CA ALA A 346 -13.09 8.75 1.27
C ALA A 346 -13.07 8.48 2.78
N ARG A 347 -12.08 8.99 3.54
CA ARG A 347 -11.95 8.75 4.98
C ARG A 347 -12.03 10.09 5.73
N ARG A 348 -12.49 10.02 6.98
CA ARG A 348 -12.85 11.22 7.77
C ARG A 348 -11.58 12.00 8.13
N ASP A 349 -10.49 11.28 8.40
CA ASP A 349 -9.21 11.87 8.86
C ASP A 349 -8.12 10.82 8.58
N ALA A 350 -6.86 11.14 8.86
CA ALA A 350 -5.71 10.31 8.43
C ALA A 350 -5.83 8.88 8.99
N GLN A 351 -6.20 8.74 10.26
CA GLN A 351 -6.15 7.41 10.93
C GLN A 351 -7.47 6.66 10.77
N ALA A 352 -8.55 7.36 10.46
CA ALA A 352 -9.88 6.74 10.29
C ALA A 352 -9.81 5.66 9.19
N ARG A 353 -10.46 4.53 9.41
CA ARG A 353 -10.34 3.35 8.52
C ARG A 353 -11.65 3.09 7.80
N VAL A 354 -12.65 3.95 7.97
CA VAL A 354 -14.03 3.66 7.50
C VAL A 354 -14.26 4.40 6.18
N LEU A 355 -14.27 3.65 5.07
CA LEU A 355 -14.44 4.22 3.71
C LEU A 355 -15.86 4.72 3.53
N GLY A 356 -16.02 5.96 3.06
CA GLY A 356 -17.34 6.59 2.85
C GLY A 356 -17.79 7.46 4.00
N GLU A 357 -16.93 7.72 5.00
CA GLU A 357 -17.18 8.75 6.05
C GLU A 357 -16.86 10.14 5.49
N ALA A 358 -16.13 10.22 4.36
CA ALA A 358 -15.94 11.44 3.54
C ALA A 358 -16.42 11.16 2.10
N HIS B 8 23.64 9.78 23.82
CA HIS B 8 23.41 8.50 23.07
C HIS B 8 22.27 7.69 23.75
N HIS B 9 21.25 8.39 24.25
CA HIS B 9 19.93 7.85 24.66
C HIS B 9 18.97 7.92 23.47
N HIS B 10 17.97 7.02 23.41
CA HIS B 10 16.90 7.07 22.40
C HIS B 10 16.05 8.31 22.65
N SER B 11 15.68 9.02 21.59
CA SER B 11 14.70 10.13 21.65
C SER B 11 13.99 10.23 20.30
N SER B 12 12.81 10.83 20.27
CA SER B 12 12.07 11.09 19.02
C SER B 12 11.19 12.32 19.23
N GLY B 13 10.85 13.02 18.16
CA GLY B 13 9.88 14.12 18.27
C GLY B 13 9.58 14.79 16.95
N LEU B 14 8.69 15.76 17.03
CA LEU B 14 8.05 16.41 15.89
C LEU B 14 8.70 17.78 15.73
N VAL B 15 9.19 18.07 14.53
CA VAL B 15 9.86 19.35 14.22
C VAL B 15 8.99 20.05 13.18
N PRO B 16 8.34 21.17 13.54
CA PRO B 16 7.45 21.84 12.60
C PRO B 16 8.25 22.66 11.57
N ARG B 17 7.62 22.86 10.41
CA ARG B 17 8.03 23.87 9.39
C ARG B 17 6.75 24.63 8.99
N GLY B 18 6.75 25.95 9.11
CA GLY B 18 5.52 26.77 8.98
C GLY B 18 4.36 26.17 9.75
N SER B 19 3.23 25.89 9.09
CA SER B 19 1.99 25.36 9.69
C SER B 19 2.00 23.81 9.70
N HIS B 20 3.05 23.20 9.14
CA HIS B 20 3.17 21.72 9.05
C HIS B 20 3.74 21.22 10.38
N MET B 21 2.87 20.83 11.32
CA MET B 21 3.24 20.59 12.74
C MET B 21 4.05 19.29 12.85
N THR B 22 3.87 18.35 11.92
CA THR B 22 4.61 17.06 11.90
C THR B 22 5.45 17.00 10.63
N ALA B 23 5.89 18.14 10.11
CA ALA B 23 6.67 18.19 8.85
C ALA B 23 7.80 17.18 8.97
N ILE B 24 8.61 17.32 10.00
CA ILE B 24 9.77 16.42 10.25
C ILE B 24 9.47 15.56 11.47
N ARG B 25 9.54 14.25 11.31
CA ARG B 25 9.52 13.29 12.43
C ARG B 25 10.95 12.80 12.61
N GLU B 26 11.57 13.15 13.73
CA GLU B 26 12.98 12.83 13.98
C GLU B 26 13.06 11.72 15.02
N ILE B 27 13.91 10.74 14.77
CA ILE B 27 14.23 9.62 15.69
C ILE B 27 15.74 9.69 15.91
N ARG B 28 16.18 9.67 17.17
CA ARG B 28 17.62 9.54 17.51
C ARG B 28 17.82 8.14 18.08
N LEU B 29 18.65 7.34 17.42
CA LEU B 29 18.96 5.99 17.90
C LEU B 29 19.84 6.09 19.15
N SER B 30 19.54 5.27 20.15
CA SER B 30 20.51 4.99 21.24
C SER B 30 21.68 4.21 20.65
N GLU B 31 22.81 4.17 21.36
CA GLU B 31 23.97 3.39 20.88
C GLU B 31 23.56 1.92 20.74
N PRO B 32 22.85 1.28 21.70
CA PRO B 32 22.41 -0.09 21.51
C PRO B 32 21.52 -0.28 20.26
N GLU B 33 20.63 0.66 19.99
CA GLU B 33 19.76 0.60 18.79
C GLU B 33 20.61 0.71 17.52
N SER B 34 21.60 1.61 17.50
CA SER B 34 22.50 1.74 16.33
C SER B 34 23.26 0.43 16.12
N ALA B 35 23.77 -0.17 17.20
CA ALA B 35 24.52 -1.45 17.13
C ALA B 35 23.59 -2.57 16.65
N GLN B 36 22.36 -2.61 17.14
CA GLN B 36 21.37 -3.66 16.76
C GLN B 36 21.12 -3.57 15.25
N ALA B 37 20.88 -2.35 14.75
CA ALA B 37 20.58 -2.13 13.32
C ALA B 37 21.80 -2.53 12.48
N ALA B 38 23.01 -2.16 12.93
CA ALA B 38 24.26 -2.47 12.21
C ALA B 38 24.43 -4.00 12.17
N LEU B 39 24.22 -4.67 13.30
CA LEU B 39 24.41 -6.15 13.36
C LEU B 39 23.46 -6.82 12.38
N LEU B 40 22.20 -6.37 12.33
CA LEU B 40 21.19 -6.95 11.42
C LEU B 40 21.64 -6.74 9.97
N ALA B 41 22.08 -5.52 9.61
CA ALA B 41 22.54 -5.21 8.25
C ALA B 41 23.75 -6.09 7.90
N LEU B 42 24.69 -6.27 8.82
CA LEU B 42 25.92 -7.07 8.58
C LEU B 42 25.53 -8.54 8.41
N GLU B 43 24.57 -9.05 9.18
CA GLU B 43 24.09 -10.45 9.03
C GLU B 43 23.44 -10.61 7.65
N CYS B 44 22.65 -9.63 7.19
CA CYS B 44 22.02 -9.70 5.85
C CYS B 44 23.12 -9.73 4.78
N ALA B 45 24.17 -8.91 4.92
CA ALA B 45 25.28 -8.82 3.94
C ALA B 45 26.02 -10.15 3.85
N GLN B 46 26.03 -10.93 4.94
CA GLN B 46 26.68 -12.27 5.01
C GLN B 46 25.82 -13.33 4.30
N ARG B 47 24.49 -13.19 4.35
CA ARG B 47 23.53 -14.26 3.99
C ARG B 47 22.94 -14.05 2.59
N TYR B 48 22.93 -12.81 2.08
CA TYR B 48 22.28 -12.48 0.79
C TYR B 48 23.29 -11.87 -0.17
N ALA B 49 23.01 -12.03 -1.47
CA ALA B 49 23.89 -11.61 -2.59
C ALA B 49 24.08 -10.09 -2.55
N GLU B 50 22.98 -9.35 -2.65
CA GLU B 50 23.00 -7.88 -2.85
C GLU B 50 21.88 -7.25 -2.04
N PRO B 51 21.98 -5.93 -1.76
CA PRO B 51 20.87 -5.23 -1.10
C PRO B 51 19.60 -5.20 -1.94
N ASP B 52 19.66 -5.49 -3.25
CA ASP B 52 18.42 -5.53 -4.07
C ASP B 52 18.38 -6.81 -4.91
N SER B 53 19.07 -7.87 -4.47
CA SER B 53 18.91 -9.19 -5.11
C SER B 53 17.56 -9.80 -4.70
N ALA B 54 17.00 -10.66 -5.55
CA ALA B 54 15.64 -11.23 -5.37
C ALA B 54 15.54 -11.99 -4.04
N ASP B 55 16.59 -12.73 -3.66
CA ASP B 55 16.65 -13.54 -2.41
C ASP B 55 16.45 -12.62 -1.20
N PHE B 56 17.08 -11.46 -1.19
CA PHE B 56 16.99 -10.54 -0.04
C PHE B 56 15.63 -9.84 -0.06
N LEU B 57 15.21 -9.36 -1.22
CA LEU B 57 13.98 -8.52 -1.30
C LEU B 57 12.75 -9.37 -0.98
N ALA B 58 12.78 -10.68 -1.26
CA ALA B 58 11.66 -11.57 -0.89
C ALA B 58 11.49 -11.59 0.64
N ASP B 59 12.58 -11.39 1.40
CA ASP B 59 12.61 -11.51 2.87
C ASP B 59 12.64 -10.14 3.56
N ALA B 60 12.92 -9.06 2.83
CA ALA B 60 13.30 -7.76 3.42
C ALA B 60 12.23 -7.23 4.39
N ALA B 61 10.94 -7.36 4.04
CA ALA B 61 9.84 -6.79 4.86
C ALA B 61 9.79 -7.53 6.19
N VAL B 62 10.17 -8.81 6.23
CA VAL B 62 10.20 -9.60 7.49
C VAL B 62 11.47 -9.29 8.27
N LEU B 63 12.62 -9.26 7.61
CA LEU B 63 13.89 -8.92 8.29
C LEU B 63 13.81 -7.52 8.91
N ALA B 64 13.08 -6.58 8.29
CA ALA B 64 12.88 -5.21 8.82
C ALA B 64 12.27 -5.27 10.22
N HIS B 65 11.42 -6.27 10.50
CA HIS B 65 10.75 -6.48 11.81
C HIS B 65 11.77 -6.74 12.92
N ASP B 66 13.04 -7.01 12.58
CA ASP B 66 14.11 -7.29 13.57
C ASP B 66 14.84 -5.99 13.93
N LEU B 67 14.50 -4.87 13.30
CA LEU B 67 15.04 -3.57 13.75
C LEU B 67 14.49 -3.26 15.15
N PRO B 68 15.13 -2.33 15.90
CA PRO B 68 14.67 -2.01 17.25
C PRO B 68 13.19 -1.62 17.32
N ARG B 69 12.48 -2.19 18.30
CA ARG B 69 11.00 -2.03 18.44
C ARG B 69 10.63 -0.55 18.57
N ALA B 70 11.34 0.21 19.40
CA ALA B 70 10.96 1.62 19.66
C ALA B 70 11.04 2.40 18.35
N VAL B 71 12.05 2.10 17.54
CA VAL B 71 12.26 2.73 16.21
C VAL B 71 11.12 2.32 15.28
N ARG B 72 10.79 1.03 15.23
CA ARG B 72 9.67 0.53 14.38
C ARG B 72 8.37 1.24 14.76
N ARG B 73 8.11 1.47 16.05
CA ARG B 73 6.83 2.12 16.44
C ARG B 73 6.82 3.55 15.88
N GLU B 74 7.95 4.26 15.94
CA GLU B 74 8.01 5.67 15.49
C GLU B 74 7.94 5.70 13.95
N VAL B 75 8.58 4.73 13.27
CA VAL B 75 8.54 4.71 11.78
C VAL B 75 7.10 4.44 11.35
N GLU B 76 6.41 3.55 12.05
CA GLU B 76 5.00 3.22 11.71
C GLU B 76 4.12 4.47 11.87
N ARG B 77 4.33 5.27 12.91
CA ARG B 77 3.55 6.53 13.08
C ARG B 77 3.83 7.44 11.88
N ALA B 78 5.07 7.51 11.42
CA ALA B 78 5.41 8.34 10.24
C ALA B 78 4.68 7.81 9.00
N ARG B 79 4.65 6.48 8.83
CA ARG B 79 4.07 5.83 7.63
C ARG B 79 2.60 6.23 7.45
N LEU B 80 1.86 6.38 8.54
CA LEU B 80 0.41 6.68 8.47
C LEU B 80 0.14 8.16 8.66
N ASP B 81 1.19 8.98 8.78
CA ASP B 81 1.01 10.46 8.91
C ASP B 81 0.92 11.06 7.50
N ASP B 82 -0.29 11.35 7.03
CA ASP B 82 -0.51 11.83 5.64
C ASP B 82 -0.16 13.32 5.50
N ARG B 83 0.44 13.93 6.52
CA ARG B 83 0.97 15.32 6.40
C ARG B 83 2.49 15.30 6.62
N LEU B 84 3.12 14.12 6.67
CA LEU B 84 4.59 14.03 6.84
C LEU B 84 5.29 14.71 5.66
N HIS B 85 6.38 15.41 5.94
CA HIS B 85 7.34 15.82 4.90
C HIS B 85 8.51 14.85 4.88
N ALA B 86 9.20 14.68 6.01
CA ALA B 86 10.41 13.84 6.11
C ALA B 86 10.44 13.11 7.45
N LEU B 87 10.62 11.79 7.39
CA LEU B 87 11.04 10.97 8.55
C LEU B 87 12.56 10.96 8.56
N VAL B 88 13.19 11.32 9.68
CA VAL B 88 14.67 11.33 9.78
C VAL B 88 15.10 10.45 10.94
N VAL B 89 15.90 9.44 10.65
CA VAL B 89 16.44 8.51 11.67
C VAL B 89 17.92 8.83 11.79
N ARG B 90 18.34 9.38 12.93
CA ARG B 90 19.73 9.83 13.09
C ARG B 90 20.52 8.86 13.96
N GLY B 91 21.79 8.68 13.62
CA GLY B 91 22.75 8.06 14.55
C GLY B 91 23.05 6.60 14.23
N ASN B 92 22.90 6.17 12.97
CA ASN B 92 23.39 4.83 12.58
C ASN B 92 24.91 4.84 12.54
N ASP B 93 25.48 3.66 12.74
CA ASP B 93 26.94 3.43 12.75
C ASP B 93 27.46 3.51 11.30
N VAL B 94 28.45 4.36 11.05
CA VAL B 94 29.21 4.35 9.77
C VAL B 94 30.70 4.36 10.12
N ASP B 95 31.40 3.30 9.73
CA ASP B 95 32.87 3.16 9.90
C ASP B 95 33.52 3.84 8.69
N GLN B 96 33.91 5.10 8.83
CA GLN B 96 34.46 5.93 7.73
C GLN B 96 35.75 5.31 7.18
N ASP B 97 36.63 4.84 8.07
CA ASP B 97 37.92 4.23 7.70
C ASP B 97 37.66 3.03 6.79
N ALA B 98 36.77 2.12 7.20
CA ALA B 98 36.48 0.86 6.49
C ALA B 98 35.72 1.16 5.18
N LEU B 99 34.92 2.22 5.18
CA LEU B 99 34.10 2.60 4.01
C LEU B 99 35.02 2.96 2.84
N GLY B 100 36.13 3.66 3.10
CA GLY B 100 37.05 4.11 2.05
C GLY B 100 36.54 5.35 1.33
N PRO B 101 37.20 5.78 0.24
CA PRO B 101 36.89 7.05 -0.41
C PRO B 101 35.54 7.04 -1.16
N THR B 102 34.95 8.23 -1.27
CA THR B 102 33.77 8.48 -2.13
C THR B 102 34.16 8.18 -3.55
N PRO B 103 33.48 7.21 -4.21
CA PRO B 103 33.78 6.89 -5.60
C PRO B 103 33.55 8.07 -6.55
N PRO B 104 34.26 8.09 -7.69
CA PRO B 104 34.16 9.20 -8.63
C PRO B 104 32.94 9.16 -9.57
N HIS B 105 32.16 8.08 -9.52
CA HIS B 105 31.00 7.87 -10.41
C HIS B 105 30.12 6.80 -9.79
N TRP B 106 28.81 6.88 -9.97
CA TRP B 106 27.90 5.83 -9.44
C TRP B 106 28.26 4.47 -10.06
N ARG B 107 28.82 4.46 -11.27
CA ARG B 107 29.18 3.17 -11.93
C ARG B 107 30.26 2.46 -11.11
N GLN B 108 30.98 3.17 -10.25
CA GLN B 108 32.05 2.58 -9.40
C GLN B 108 31.63 2.54 -7.93
N ALA B 109 30.35 2.75 -7.61
CA ALA B 109 29.93 3.05 -6.23
C ALA B 109 29.26 1.86 -5.54
N ARG B 110 28.95 0.79 -6.25
CA ARG B 110 28.39 -0.41 -5.58
C ARG B 110 29.58 -1.20 -5.04
N THR B 111 30.18 -0.70 -3.97
CA THR B 111 31.43 -1.26 -3.40
C THR B 111 31.14 -2.31 -2.33
N ALA B 112 32.05 -3.27 -2.15
CA ALA B 112 31.97 -4.27 -1.09
C ALA B 112 31.84 -3.58 0.27
N ALA B 113 32.63 -2.54 0.52
CA ALA B 113 32.75 -1.88 1.83
C ALA B 113 31.44 -1.15 2.15
N SER B 114 30.69 -0.73 1.13
CA SER B 114 29.45 0.06 1.35
C SER B 114 28.20 -0.82 1.33
N ARG B 115 28.32 -2.15 1.14
CA ARG B 115 27.15 -3.06 1.04
C ARG B 115 26.28 -2.92 2.28
N ARG B 116 26.90 -2.95 3.46
CA ARG B 116 26.15 -3.00 4.74
C ARG B 116 25.18 -1.81 4.81
N TYR B 117 25.55 -0.66 4.22
CA TYR B 117 24.69 0.55 4.26
C TYR B 117 23.54 0.43 3.26
N GLY B 118 23.78 -0.20 2.11
CA GLY B 118 22.68 -0.52 1.19
C GLY B 118 21.67 -1.46 1.84
N PHE B 119 22.14 -2.52 2.50
CA PHE B 119 21.25 -3.46 3.22
C PHE B 119 20.46 -2.70 4.29
N LEU B 120 21.12 -1.85 5.08
CA LEU B 120 20.40 -1.16 6.18
C LEU B 120 19.38 -0.19 5.58
N LEU B 121 19.71 0.51 4.50
CA LEU B 121 18.72 1.43 3.86
C LEU B 121 17.49 0.64 3.44
N VAL B 122 17.66 -0.53 2.81
CA VAL B 122 16.51 -1.37 2.37
C VAL B 122 15.73 -1.85 3.58
N LEU B 123 16.40 -2.24 4.68
CA LEU B 123 15.70 -2.70 5.90
C LEU B 123 14.81 -1.57 6.43
N TYR B 124 15.32 -0.36 6.62
CA TYR B 124 14.48 0.78 7.07
C TYR B 124 13.36 1.02 6.05
N ALA B 125 13.70 1.04 4.76
CA ALA B 125 12.73 1.37 3.70
C ALA B 125 11.57 0.37 3.72
N SER B 126 11.85 -0.88 4.04
CA SER B 126 10.88 -1.99 3.94
C SER B 126 9.89 -1.94 5.11
N LEU B 127 10.12 -1.08 6.11
CA LEU B 127 9.07 -0.76 7.12
C LEU B 127 8.00 0.13 6.49
N LEU B 128 8.31 0.86 5.43
CA LEU B 128 7.39 1.87 4.86
C LEU B 128 6.67 1.34 3.62
N GLY B 129 7.20 0.31 2.97
CA GLY B 129 6.65 -0.18 1.71
C GLY B 129 7.65 -1.07 1.04
N ASP B 130 7.51 -1.22 -0.26
CA ASP B 130 8.35 -2.13 -1.06
C ASP B 130 9.29 -1.29 -1.93
N VAL B 131 10.56 -1.67 -1.98
CA VAL B 131 11.57 -0.88 -2.72
C VAL B 131 11.46 -1.13 -4.23
N VAL B 132 11.67 -0.07 -5.00
CA VAL B 132 11.60 -0.10 -6.47
C VAL B 132 12.73 0.74 -7.03
N GLY B 133 13.07 0.48 -8.29
CA GLY B 133 14.00 1.29 -9.07
C GLY B 133 13.43 1.58 -10.43
N TRP B 134 14.25 2.16 -11.31
CA TRP B 134 13.81 2.68 -12.62
C TRP B 134 14.82 2.25 -13.69
N ALA B 135 14.34 1.63 -14.77
CA ALA B 135 15.21 1.07 -15.84
C ALA B 135 16.19 2.14 -16.34
N THR B 136 15.76 3.40 -16.46
CA THR B 136 16.58 4.48 -17.08
C THR B 136 17.54 5.11 -16.06
N GLN B 137 17.51 4.73 -14.78
CA GLN B 137 18.27 5.42 -13.72
C GLN B 137 19.30 4.45 -13.11
N GLN B 138 20.59 4.77 -13.24
CA GLN B 138 21.71 3.98 -12.68
C GLN B 138 21.49 2.49 -12.96
N ASP B 139 21.23 2.17 -14.22
CA ASP B 139 21.16 0.78 -14.75
C ASP B 139 20.10 -0.03 -13.99
N GLY B 140 19.03 0.63 -13.52
CA GLY B 140 17.90 -0.03 -12.85
C GLY B 140 18.23 -0.51 -11.44
N ARG B 141 19.33 -0.04 -10.85
CA ARG B 141 19.66 -0.38 -9.45
C ARG B 141 18.54 0.15 -8.55
N VAL B 142 18.18 -0.64 -7.55
CA VAL B 142 17.19 -0.18 -6.55
C VAL B 142 17.92 0.68 -5.51
N VAL B 143 19.04 0.20 -4.98
CA VAL B 143 19.93 1.04 -4.13
C VAL B 143 20.85 1.82 -5.06
N THR B 144 20.64 3.13 -5.17
CA THR B 144 21.43 4.02 -6.06
C THR B 144 22.39 4.87 -5.21
N ASP B 145 23.26 5.59 -5.89
CA ASP B 145 24.33 6.36 -5.23
C ASP B 145 24.23 7.82 -5.64
N VAL B 146 24.28 8.69 -4.64
CA VAL B 146 24.29 10.16 -4.83
C VAL B 146 25.68 10.66 -4.45
N LEU B 147 26.43 11.12 -5.44
CA LEU B 147 27.80 11.64 -5.21
C LEU B 147 28.12 12.57 -6.37
N PRO B 148 29.01 13.55 -6.17
CA PRO B 148 29.32 14.52 -7.20
C PRO B 148 30.23 13.87 -8.25
N ILE B 149 29.96 14.12 -9.52
CA ILE B 149 30.80 13.58 -10.62
C ILE B 149 31.50 14.76 -11.31
N GLU B 150 32.83 14.66 -11.39
CA GLU B 150 33.73 15.65 -12.05
C GLU B 150 33.29 15.77 -13.52
N GLY B 151 33.03 16.99 -13.98
CA GLY B 151 32.53 17.27 -15.35
C GLY B 151 31.01 17.27 -15.43
N GLN B 152 30.31 17.05 -14.31
CA GLN B 152 28.83 17.14 -14.20
C GLN B 152 28.47 18.13 -13.08
N GLU B 153 29.36 19.10 -12.78
CA GLU B 153 29.15 20.13 -11.74
C GLU B 153 27.86 20.91 -12.04
N ASP B 154 27.66 21.26 -13.32
CA ASP B 154 26.54 22.12 -13.80
C ASP B 154 25.42 21.26 -14.39
N SER B 155 25.45 19.94 -14.18
CA SER B 155 24.43 18.98 -14.67
C SER B 155 23.10 19.21 -13.93
N LEU B 156 22.01 18.65 -14.46
CA LEU B 156 20.63 18.80 -13.91
C LEU B 156 20.24 17.54 -13.13
N VAL B 157 21.20 16.68 -12.81
CA VAL B 157 20.98 15.35 -12.13
C VAL B 157 21.63 15.39 -10.75
N SER B 158 21.40 14.38 -9.93
CA SER B 158 21.85 14.29 -8.51
C SER B 158 23.38 14.23 -8.41
N SER B 159 24.11 14.12 -9.53
CA SER B 159 25.59 14.09 -9.58
C SER B 159 26.15 15.51 -9.71
N SER B 160 25.27 16.52 -9.75
CA SER B 160 25.64 17.97 -9.80
C SER B 160 26.25 18.38 -8.47
N SER B 161 26.84 19.59 -8.43
CA SER B 161 27.42 20.22 -7.21
C SER B 161 27.27 21.75 -7.28
N SER B 162 27.98 22.38 -8.22
CA SER B 162 28.12 23.87 -8.35
C SER B 162 26.77 24.55 -8.64
N VAL B 163 25.79 23.81 -9.16
CA VAL B 163 24.46 24.36 -9.57
C VAL B 163 23.38 23.66 -8.73
N GLU B 164 22.35 24.42 -8.36
CA GLU B 164 21.16 23.96 -7.59
C GLU B 164 20.51 22.80 -8.35
N LEU B 165 20.30 21.66 -7.70
CA LEU B 165 19.36 20.62 -8.20
C LEU B 165 17.95 21.17 -7.98
N GLY B 166 17.30 21.61 -9.07
CA GLY B 166 15.95 22.20 -9.05
C GLY B 166 14.99 21.27 -8.37
N TRP B 167 14.01 21.81 -7.65
CA TRP B 167 13.08 20.99 -6.83
C TRP B 167 12.00 20.37 -7.72
N HIS B 168 11.55 19.18 -7.34
CA HIS B 168 10.49 18.43 -8.06
C HIS B 168 10.01 17.29 -7.17
N THR B 169 8.79 16.87 -7.43
CA THR B 169 8.29 15.53 -7.07
C THR B 169 9.16 14.53 -7.81
N GLU B 170 9.64 13.47 -7.16
CA GLU B 170 10.44 12.41 -7.82
C GLU B 170 9.57 11.73 -8.88
N ASP B 171 10.07 11.66 -10.12
CA ASP B 171 9.40 11.00 -11.28
C ASP B 171 7.97 11.52 -11.43
N ALA B 172 7.81 12.84 -11.40
CA ALA B 172 6.50 13.52 -11.32
C ALA B 172 5.57 13.09 -12.46
N PHE B 173 6.13 12.79 -13.63
CA PHE B 173 5.34 12.47 -14.86
C PHE B 173 4.61 11.13 -14.71
N SER B 174 5.10 10.24 -13.84
CA SER B 174 4.80 8.78 -13.87
C SER B 174 3.69 8.44 -12.89
N PRO B 175 2.68 7.64 -13.30
CA PRO B 175 1.69 7.10 -12.37
C PRO B 175 2.31 6.13 -11.35
N TYR B 176 3.53 5.67 -11.59
CA TYR B 176 4.26 4.71 -10.73
C TYR B 176 5.29 5.41 -9.86
N ARG B 177 5.26 6.75 -9.83
CA ARG B 177 6.20 7.51 -8.97
C ARG B 177 6.14 6.98 -7.54
N ALA B 178 7.28 7.04 -6.86
CA ALA B 178 7.46 6.54 -5.48
C ALA B 178 6.55 7.27 -4.49
N ASP B 179 6.20 6.58 -3.42
CA ASP B 179 5.58 7.19 -2.22
C ASP B 179 6.67 7.80 -1.33
N TYR B 180 7.83 7.17 -1.19
CA TYR B 180 8.96 7.73 -0.41
C TYR B 180 10.24 7.70 -1.23
N VAL B 181 11.06 8.71 -1.03
CA VAL B 181 12.48 8.71 -1.45
C VAL B 181 13.31 8.59 -0.18
N GLY B 182 14.14 7.56 -0.12
CA GLY B 182 15.02 7.30 1.03
C GLY B 182 16.44 7.71 0.74
N LEU B 183 17.12 8.29 1.72
CA LEU B 183 18.51 8.76 1.62
C LEU B 183 19.25 8.32 2.86
N PHE B 184 20.34 7.58 2.70
CA PHE B 184 21.22 7.14 3.80
C PHE B 184 22.56 7.84 3.60
N SER B 185 22.86 8.79 4.46
CA SER B 185 24.12 9.57 4.37
C SER B 185 25.30 8.74 4.87
N LEU B 186 26.31 8.54 4.02
CA LEU B 186 27.56 7.84 4.40
C LEU B 186 28.61 8.86 4.84
N ARG B 187 28.66 10.00 4.17
CA ARG B 187 29.51 11.12 4.64
C ARG B 187 28.99 12.41 4.01
N ASN B 188 29.21 13.49 4.73
CA ASN B 188 28.68 14.82 4.36
C ASN B 188 29.50 15.85 5.12
N PRO B 189 30.81 15.96 4.83
CA PRO B 189 31.69 16.75 5.70
C PRO B 189 31.26 18.22 5.76
N ASP B 190 30.70 18.75 4.68
CA ASP B 190 30.33 20.19 4.57
C ASP B 190 28.84 20.39 4.82
N SER B 191 28.14 19.39 5.38
CA SER B 191 26.74 19.56 5.83
C SER B 191 25.87 20.12 4.70
N VAL B 192 25.93 19.48 3.54
CA VAL B 192 25.13 19.85 2.34
C VAL B 192 23.70 19.31 2.53
N ALA B 193 22.73 20.14 2.19
CA ALA B 193 21.30 19.89 2.46
C ALA B 193 20.59 19.34 1.22
N THR B 194 19.58 18.52 1.45
CA THR B 194 18.43 18.29 0.53
C THR B 194 17.44 19.43 0.79
N THR B 195 16.92 20.06 -0.25
CA THR B 195 15.85 21.07 -0.11
C THR B 195 14.50 20.35 -0.18
N VAL B 196 13.51 20.87 0.54
CA VAL B 196 12.18 20.25 0.74
C VAL B 196 11.14 21.36 0.77
N ALA B 197 10.00 21.17 0.09
CA ALA B 197 8.83 22.04 0.29
C ALA B 197 7.54 21.25 0.12
N GLY B 198 6.56 21.64 0.90
CA GLY B 198 5.17 21.19 0.74
C GLY B 198 4.26 22.37 0.50
N LEU B 199 3.03 22.10 0.13
CA LEU B 199 1.99 23.14 -0.03
C LEU B 199 1.30 23.35 1.31
N ASP B 200 1.27 24.59 1.79
CA ASP B 200 0.34 25.06 2.85
C ASP B 200 -0.84 25.73 2.13
N PRO B 201 -2.00 25.02 1.99
CA PRO B 201 -3.13 25.56 1.24
C PRO B 201 -3.70 26.87 1.84
N ASP B 202 -3.38 27.16 3.11
CA ASP B 202 -3.80 28.40 3.82
C ASP B 202 -2.90 29.59 3.46
N LEU B 203 -1.84 29.39 2.65
CA LEU B 203 -1.00 30.51 2.14
C LEU B 203 -1.35 30.81 0.68
N VAL B 204 -2.28 30.06 0.08
CA VAL B 204 -2.58 30.13 -1.39
C VAL B 204 -4.06 30.45 -1.58
N GLY B 205 -4.37 31.31 -2.56
CA GLY B 205 -5.75 31.64 -2.94
C GLY B 205 -6.56 30.37 -3.23
N PRO B 206 -7.70 30.15 -2.54
CA PRO B 206 -8.56 28.99 -2.82
C PRO B 206 -8.87 28.78 -4.31
N ALA B 207 -8.98 29.85 -5.11
CA ALA B 207 -9.21 29.79 -6.57
C ALA B 207 -8.06 29.06 -7.26
N VAL B 208 -6.81 29.39 -6.89
CA VAL B 208 -5.60 28.74 -7.48
C VAL B 208 -5.61 27.28 -7.05
N VAL B 209 -5.95 26.99 -5.79
CA VAL B 209 -5.98 25.58 -5.29
C VAL B 209 -7.00 24.80 -6.13
N ASP B 210 -8.18 25.38 -6.38
CA ASP B 210 -9.23 24.74 -7.21
C ASP B 210 -8.67 24.41 -8.59
N VAL B 211 -7.93 25.33 -9.21
CA VAL B 211 -7.35 25.13 -10.56
C VAL B 211 -6.35 23.98 -10.50
N LEU B 212 -5.52 23.93 -9.45
CA LEU B 212 -4.45 22.92 -9.33
C LEU B 212 -5.02 21.50 -9.17
N PHE B 213 -6.27 21.37 -8.71
CA PHE B 213 -6.98 20.06 -8.61
C PHE B 213 -7.55 19.64 -9.96
N GLY B 214 -7.69 20.58 -10.91
CA GLY B 214 -8.15 20.28 -12.28
C GLY B 214 -7.10 19.54 -13.11
N GLU B 215 -7.53 18.70 -14.05
CA GLU B 215 -6.61 17.98 -14.96
C GLU B 215 -6.26 18.94 -16.12
N ARG B 216 -5.42 19.94 -15.82
CA ARG B 216 -5.18 21.12 -16.70
C ARG B 216 -3.69 21.32 -16.94
N PHE B 217 -2.85 20.31 -16.66
CA PHE B 217 -1.38 20.42 -16.69
C PHE B 217 -0.79 19.26 -17.47
N HIS B 218 0.40 19.49 -18.03
CA HIS B 218 1.28 18.45 -18.63
C HIS B 218 2.52 18.36 -17.74
N ILE B 219 2.78 17.18 -17.18
CA ILE B 219 4.07 16.89 -16.51
C ILE B 219 4.82 15.92 -17.42
N ARG B 220 5.88 16.40 -18.06
CA ARG B 220 6.70 15.63 -19.01
C ARG B 220 7.83 14.96 -18.22
N PRO B 221 8.33 13.80 -18.68
CA PRO B 221 9.51 13.18 -18.08
C PRO B 221 10.73 14.10 -18.23
N ASP B 222 11.66 14.06 -17.27
CA ASP B 222 13.06 14.53 -17.52
C ASP B 222 13.67 13.60 -18.57
N ASN B 223 14.67 14.09 -19.32
CA ASN B 223 15.42 13.30 -20.33
C ASN B 223 16.16 12.15 -19.64
N SER B 224 16.25 12.19 -18.31
CA SER B 224 16.61 11.07 -17.40
C SER B 224 15.79 9.81 -17.70
N HIS B 225 14.58 9.98 -18.27
CA HIS B 225 13.67 8.89 -18.73
C HIS B 225 13.65 8.81 -20.26
N SER B 236 8.99 -1.38 -27.50
CA SER B 236 8.66 -1.53 -26.06
C SER B 236 7.32 -0.85 -25.76
N ASP B 237 6.42 -1.54 -25.05
CA ASP B 237 5.08 -1.03 -24.64
C ASP B 237 5.24 0.10 -23.61
N TYR B 238 6.14 -0.08 -22.64
CA TYR B 238 6.43 0.92 -21.58
C TYR B 238 7.06 2.18 -22.21
N PHE B 239 8.17 2.03 -22.95
CA PHE B 239 8.96 3.13 -23.54
C PHE B 239 8.20 3.77 -24.72
N ALA B 240 7.18 3.10 -25.25
CA ALA B 240 6.17 3.70 -26.18
C ALA B 240 5.34 4.72 -25.39
N GLY B 241 4.98 4.39 -24.15
CA GLY B 241 4.29 5.27 -23.19
C GLY B 241 5.11 6.48 -22.80
N ILE B 242 6.45 6.37 -22.81
CA ILE B 242 7.41 7.45 -22.43
C ILE B 242 7.50 8.48 -23.57
N VAL B 243 7.66 8.00 -24.82
CA VAL B 243 7.69 8.85 -26.04
C VAL B 243 6.36 9.62 -26.12
N GLU B 244 5.23 8.93 -25.91
CA GLU B 244 3.87 9.52 -25.88
C GLU B 244 3.77 10.61 -24.80
N ALA B 245 4.37 10.37 -23.63
CA ALA B 245 4.31 11.26 -22.44
C ALA B 245 4.99 12.61 -22.74
N VAL B 246 5.97 12.63 -23.64
CA VAL B 246 6.71 13.85 -24.07
C VAL B 246 5.90 14.56 -25.18
N GLU B 247 5.43 13.81 -26.17
CA GLU B 247 4.83 14.35 -27.42
C GLU B 247 3.33 14.62 -27.23
N ASN B 248 2.61 13.67 -26.62
CA ASN B 248 1.13 13.77 -26.38
C ASN B 248 0.83 13.65 -24.89
N PRO B 249 1.44 14.50 -24.01
CA PRO B 249 1.28 14.34 -22.57
C PRO B 249 -0.21 14.32 -22.19
N ARG B 250 -0.60 13.40 -21.31
CA ARG B 250 -1.96 13.33 -20.73
C ARG B 250 -2.19 14.60 -19.91
N ALA B 251 -3.43 15.09 -19.87
CA ALA B 251 -3.85 16.21 -19.00
C ALA B 251 -3.99 15.66 -17.58
N VAL B 252 -3.17 16.18 -16.64
CA VAL B 252 -3.14 15.67 -15.23
C VAL B 252 -3.35 16.85 -14.28
N SER B 253 -3.75 16.54 -13.05
CA SER B 253 -3.82 17.50 -11.93
C SER B 253 -2.45 17.61 -11.28
N ILE B 254 -2.26 18.69 -10.52
CA ILE B 254 -1.08 18.86 -9.62
C ILE B 254 -1.47 18.44 -8.19
N LEU B 255 -2.69 18.75 -7.75
CA LEU B 255 -3.20 18.34 -6.42
C LEU B 255 -4.24 17.24 -6.60
N ARG B 256 -4.30 16.32 -5.66
CA ARG B 256 -5.34 15.25 -5.70
C ARG B 256 -5.63 14.77 -4.30
N GLY B 257 -6.82 14.20 -4.11
CA GLY B 257 -7.23 13.59 -2.84
C GLY B 257 -8.08 14.50 -2.00
N HIS B 258 -8.09 14.26 -0.69
CA HIS B 258 -8.94 15.00 0.28
C HIS B 258 -8.43 16.44 0.37
N ARG B 259 -9.36 17.41 0.39
CA ARG B 259 -8.99 18.85 0.51
C ARG B 259 -8.19 19.11 1.79
N ASP B 260 -8.43 18.33 2.85
CA ASP B 260 -7.74 18.48 4.16
C ASP B 260 -6.31 17.90 4.10
N ALA B 261 -5.99 17.06 3.12
CA ALA B 261 -4.66 16.40 3.02
C ALA B 261 -4.32 16.09 1.57
N PRO B 262 -4.25 17.12 0.69
CA PRO B 262 -4.03 16.88 -0.72
C PRO B 262 -2.61 16.37 -1.00
N GLN B 263 -2.48 15.48 -1.97
CA GLN B 263 -1.17 15.08 -2.50
C GLN B 263 -0.73 16.12 -3.53
N LEU B 264 0.58 16.26 -3.67
CA LEU B 264 1.25 17.23 -4.55
C LEU B 264 2.06 16.45 -5.59
N CYS B 265 1.95 16.83 -6.85
CA CYS B 265 2.78 16.27 -7.94
C CYS B 265 3.13 17.38 -8.91
N VAL B 266 4.38 17.84 -8.87
CA VAL B 266 4.82 18.97 -9.74
C VAL B 266 6.34 18.90 -9.97
N ASP B 267 6.78 19.38 -11.13
CA ASP B 267 8.22 19.46 -11.48
C ASP B 267 8.48 20.89 -11.96
N SER B 268 9.32 21.65 -11.24
CA SER B 268 9.57 23.10 -11.49
C SER B 268 10.10 23.31 -12.92
N ASP B 269 10.67 22.30 -13.56
CA ASP B 269 11.34 22.43 -14.89
C ASP B 269 10.52 21.76 -16.00
N PHE B 270 9.58 20.87 -15.69
CA PHE B 270 8.93 19.97 -16.69
C PHE B 270 7.41 20.02 -16.62
N THR B 271 6.82 21.04 -15.97
CA THR B 271 5.35 21.20 -15.85
C THR B 271 4.91 22.45 -16.59
N THR B 272 3.86 22.32 -17.41
CA THR B 272 3.20 23.44 -18.14
C THR B 272 1.69 23.25 -18.03
N ALA B 273 0.92 24.32 -18.26
CA ALA B 273 -0.55 24.24 -18.39
C ALA B 273 -0.90 23.64 -19.76
N VAL B 274 -2.09 23.03 -19.87
CA VAL B 274 -2.67 22.54 -21.15
C VAL B 274 -2.67 23.70 -22.15
N ASP B 275 -2.44 23.40 -23.44
CA ASP B 275 -2.42 24.40 -24.54
C ASP B 275 -3.59 25.37 -24.35
N GLY B 276 -3.29 26.67 -24.33
CA GLY B 276 -4.30 27.76 -24.36
C GLY B 276 -4.98 28.01 -23.02
N ASP B 277 -4.63 27.26 -21.97
CA ASP B 277 -5.22 27.41 -20.61
C ASP B 277 -4.35 28.40 -19.82
N ALA B 278 -4.57 29.69 -20.04
CA ALA B 278 -3.81 30.80 -19.40
C ALA B 278 -4.07 30.79 -17.89
N GLU B 279 -5.30 30.48 -17.47
CA GLU B 279 -5.70 30.41 -16.04
C GLU B 279 -4.86 29.33 -15.33
N ALA B 280 -4.73 28.15 -15.95
CA ALA B 280 -3.91 27.05 -15.40
C ALA B 280 -2.44 27.50 -15.35
N ALA B 281 -1.96 28.19 -16.39
CA ALA B 281 -0.58 28.70 -16.45
C ALA B 281 -0.30 29.61 -15.24
N GLY B 282 -1.26 30.48 -14.91
CA GLY B 282 -1.19 31.40 -13.76
C GLY B 282 -1.13 30.64 -12.44
N ALA B 283 -1.98 29.63 -12.28
CA ALA B 283 -2.08 28.85 -11.02
C ALA B 283 -0.76 28.09 -10.82
N LEU B 284 -0.24 27.50 -11.88
CA LEU B 284 1.05 26.76 -11.87
C LEU B 284 2.14 27.72 -11.42
N ASP B 285 2.24 28.90 -12.04
CA ASP B 285 3.37 29.80 -11.72
C ASP B 285 3.17 30.36 -10.30
N THR B 286 1.93 30.56 -9.84
CA THR B 286 1.63 30.92 -8.43
C THR B 286 2.18 29.83 -7.50
N LEU B 287 1.91 28.56 -7.80
CA LEU B 287 2.40 27.44 -6.98
C LEU B 287 3.94 27.38 -7.01
N ILE B 288 4.56 27.57 -8.17
CA ILE B 288 6.05 27.49 -8.30
C ILE B 288 6.66 28.57 -7.40
N LYS B 289 6.10 29.78 -7.40
CA LYS B 289 6.64 30.87 -6.54
C LYS B 289 6.39 30.51 -5.07
N HIS B 290 5.23 29.95 -4.71
CA HIS B 290 4.92 29.55 -3.30
C HIS B 290 5.93 28.51 -2.83
N LEU B 291 6.10 27.41 -3.56
CA LEU B 291 6.99 26.30 -3.13
C LEU B 291 8.44 26.81 -3.07
N GLY B 292 8.83 27.62 -4.06
CA GLY B 292 10.17 28.25 -4.08
C GLY B 292 10.43 29.04 -2.80
N GLY B 293 9.45 29.80 -2.33
CA GLY B 293 9.56 30.63 -1.11
C GLY B 293 9.50 29.81 0.17
N ALA B 294 8.96 28.59 0.09
CA ALA B 294 8.66 27.74 1.25
C ALA B 294 9.76 26.66 1.42
N LEU B 295 10.72 26.57 0.51
CA LEU B 295 11.79 25.55 0.58
C LEU B 295 12.52 25.67 1.92
N TYR B 296 12.76 24.56 2.57
CA TYR B 296 13.64 24.48 3.76
C TYR B 296 14.60 23.33 3.51
N GLU B 297 15.46 23.04 4.47
CA GLU B 297 16.59 22.12 4.22
C GLU B 297 16.61 21.03 5.27
N VAL B 298 17.07 19.86 4.85
CA VAL B 298 17.37 18.72 5.76
C VAL B 298 18.80 18.31 5.43
N VAL B 299 19.64 18.34 6.44
CA VAL B 299 21.05 17.90 6.35
C VAL B 299 21.17 16.56 7.06
N LEU B 300 21.74 15.60 6.36
CA LEU B 300 21.99 14.25 6.89
C LEU B 300 23.49 14.09 7.12
N GLY B 301 23.87 14.01 8.39
CA GLY B 301 25.25 13.66 8.76
C GLY B 301 25.47 12.18 8.51
N PRO B 302 26.72 11.68 8.64
CA PRO B 302 26.99 10.27 8.43
C PRO B 302 26.15 9.38 9.37
N GLY B 303 25.40 8.45 8.78
CA GLY B 303 24.53 7.52 9.52
C GLY B 303 23.13 8.07 9.73
N ASP B 304 22.81 9.23 9.20
CA ASP B 304 21.44 9.78 9.23
C ASP B 304 20.72 9.31 7.96
N VAL B 305 19.48 8.87 8.13
CA VAL B 305 18.63 8.35 7.03
C VAL B 305 17.38 9.22 6.98
N ALA B 306 16.96 9.66 5.81
CA ALA B 306 15.67 10.36 5.65
C ALA B 306 14.78 9.59 4.69
N PHE B 307 13.48 9.63 4.95
CA PHE B 307 12.47 9.24 3.96
C PHE B 307 11.58 10.45 3.73
N LEU B 308 11.62 10.98 2.51
CA LEU B 308 10.74 12.08 2.08
C LEU B 308 9.44 11.47 1.58
N ASP B 309 8.32 12.01 2.04
CA ASP B 309 7.00 11.59 1.57
C ASP B 309 6.76 12.29 0.24
N ASN B 310 6.99 11.55 -0.84
CA ASN B 310 6.96 12.07 -2.23
C ASN B 310 5.54 12.44 -2.63
N ARG B 311 4.53 12.02 -1.87
CA ARG B 311 3.12 12.41 -2.09
C ARG B 311 2.91 13.85 -1.62
N ASN B 312 3.76 14.33 -0.72
CA ASN B 312 3.53 15.61 0.00
C ASN B 312 4.56 16.67 -0.37
N VAL B 313 5.79 16.28 -0.69
CA VAL B 313 6.88 17.29 -0.85
C VAL B 313 7.58 17.14 -2.19
N VAL B 314 8.02 18.28 -2.69
CA VAL B 314 9.08 18.37 -3.73
C VAL B 314 10.43 18.41 -3.01
N HIS B 315 11.50 18.03 -3.70
CA HIS B 315 12.85 18.12 -3.12
C HIS B 315 13.87 18.46 -4.19
N GLY B 316 14.99 19.01 -3.75
CA GLY B 316 16.14 19.29 -4.61
C GLY B 316 17.41 19.38 -3.78
N ARG B 317 18.37 20.16 -4.26
CA ARG B 317 19.68 20.29 -3.57
C ARG B 317 20.32 21.61 -3.98
N ARG B 318 20.93 22.27 -2.99
CA ARG B 318 21.63 23.57 -3.10
C ARG B 318 22.93 23.39 -3.87
N PRO B 319 23.49 24.45 -4.52
CA PRO B 319 24.89 24.41 -4.92
C PRO B 319 25.79 24.05 -3.73
N PHE B 320 26.83 23.27 -3.98
CA PHE B 320 27.90 22.93 -3.00
C PHE B 320 29.22 22.76 -3.75
N ARG B 321 30.31 22.75 -3.01
CA ARG B 321 31.68 22.76 -3.58
C ARG B 321 32.28 21.36 -3.43
N ALA B 322 32.25 20.58 -4.50
CA ALA B 322 32.86 19.24 -4.57
C ALA B 322 34.36 19.37 -4.84
N ARG B 323 35.17 18.54 -4.17
CA ARG B 323 36.66 18.47 -4.30
C ARG B 323 37.08 17.37 -5.28
N PHE B 324 36.32 16.28 -5.34
CA PHE B 324 36.60 15.10 -6.21
C PHE B 324 37.94 14.48 -5.79
N ASP B 325 38.17 14.40 -4.48
CA ASP B 325 39.40 13.84 -3.86
C ASP B 325 39.07 12.59 -3.05
N GLY B 326 37.83 12.08 -3.17
CA GLY B 326 37.33 10.91 -2.42
C GLY B 326 36.80 11.25 -1.03
N THR B 327 36.67 12.54 -0.69
CA THR B 327 36.13 12.96 0.62
C THR B 327 34.72 13.56 0.47
N ASP B 328 34.16 13.57 -0.76
CA ASP B 328 32.89 14.28 -1.04
C ASP B 328 31.70 13.57 -0.41
N ARG B 329 30.62 14.33 -0.24
CA ARG B 329 29.29 13.83 0.15
C ARG B 329 28.90 12.59 -0.65
N TRP B 330 28.36 11.59 0.04
CA TRP B 330 27.95 10.29 -0.56
C TRP B 330 26.72 9.80 0.17
N LEU B 331 25.62 9.62 -0.57
CA LEU B 331 24.38 9.01 -0.02
C LEU B 331 24.08 7.75 -0.80
N LYS B 332 23.54 6.74 -0.12
CA LYS B 332 22.75 5.68 -0.77
C LYS B 332 21.31 6.19 -0.87
N ARG B 333 20.63 5.83 -1.94
CA ARG B 333 19.28 6.36 -2.22
C ARG B 333 18.38 5.21 -2.67
N ILE B 334 17.11 5.32 -2.33
CA ILE B 334 16.12 4.26 -2.69
C ILE B 334 14.76 4.92 -2.95
N ASN B 335 13.92 4.25 -3.71
CA ASN B 335 12.50 4.60 -3.87
C ASN B 335 11.64 3.53 -3.23
N VAL B 336 10.54 3.95 -2.61
CA VAL B 336 9.62 3.02 -1.91
C VAL B 336 8.20 3.26 -2.43
N THR B 337 7.47 2.19 -2.69
CA THR B 337 6.04 2.25 -3.04
C THR B 337 5.21 1.57 -1.94
N ALA B 338 4.09 2.18 -1.60
CA ALA B 338 3.12 1.57 -0.67
C ALA B 338 2.42 0.39 -1.36
N ASP B 339 2.45 0.31 -2.70
CA ASP B 339 1.60 -0.65 -3.47
C ASP B 339 2.41 -1.14 -4.67
N LEU B 340 3.22 -2.17 -4.45
CA LEU B 340 4.07 -2.73 -5.52
C LEU B 340 3.18 -3.30 -6.62
N ARG B 341 2.07 -3.93 -6.25
CA ARG B 341 1.23 -4.65 -7.23
C ARG B 341 0.74 -3.69 -8.31
N LYS B 342 0.48 -2.42 -7.98
CA LYS B 342 -0.18 -1.49 -8.93
C LYS B 342 0.71 -1.23 -10.16
N SER B 343 2.02 -1.48 -10.07
CA SER B 343 2.97 -1.22 -11.18
C SER B 343 3.34 -2.48 -11.95
N ARG B 344 2.58 -3.56 -11.80
CA ARG B 344 2.96 -4.87 -12.39
C ARG B 344 3.08 -4.74 -13.91
N ALA B 345 2.25 -3.91 -14.55
CA ALA B 345 2.27 -3.70 -16.03
C ALA B 345 3.62 -3.15 -16.48
N ALA B 346 4.36 -2.49 -15.58
CA ALA B 346 5.64 -1.80 -15.89
C ALA B 346 6.84 -2.55 -15.34
N ARG B 347 6.67 -3.78 -14.84
CA ARG B 347 7.76 -4.58 -14.24
C ARG B 347 7.87 -5.92 -14.99
N ARG B 348 9.06 -6.51 -14.95
CA ARG B 348 9.48 -7.67 -15.80
C ARG B 348 8.70 -8.92 -15.36
N ASP B 349 8.47 -9.07 -14.07
CA ASP B 349 7.79 -10.25 -13.49
C ASP B 349 7.32 -9.83 -12.10
N ALA B 350 6.65 -10.73 -11.40
CA ALA B 350 6.03 -10.42 -10.09
C ALA B 350 7.04 -9.79 -9.13
N GLN B 351 8.22 -10.38 -9.00
CA GLN B 351 9.19 -10.03 -7.94
C GLN B 351 10.12 -8.91 -8.41
N ALA B 352 10.24 -8.69 -9.73
CA ALA B 352 11.19 -7.70 -10.26
C ALA B 352 10.74 -6.30 -9.79
N ARG B 353 11.71 -5.46 -9.44
CA ARG B 353 11.43 -4.16 -8.79
C ARG B 353 11.78 -2.98 -9.70
N VAL B 354 12.10 -3.22 -10.98
CA VAL B 354 12.64 -2.16 -11.87
C VAL B 354 11.54 -1.66 -12.81
N LEU B 355 11.06 -0.44 -12.57
CA LEU B 355 9.97 0.17 -13.37
C LEU B 355 10.48 0.47 -14.78
N GLY B 356 9.79 -0.05 -15.79
CA GLY B 356 10.12 0.15 -17.21
C GLY B 356 11.03 -0.94 -17.76
N GLU B 357 11.34 -1.98 -16.97
CA GLU B 357 12.15 -3.15 -17.40
C GLU B 357 11.27 -4.06 -18.27
N ALA B 358 9.94 -4.01 -18.07
CA ALA B 358 8.91 -4.50 -19.01
C ALA B 358 7.52 -4.28 -18.41
#